data_3EXS
#
_entry.id   3EXS
#
_cell.length_a   59.152
_cell.length_b   124.249
_cell.length_c   130.066
_cell.angle_alpha   90.000
_cell.angle_beta   90.000
_cell.angle_gamma   90.000
#
_symmetry.space_group_name_H-M   'P 21 21 21'
#
loop_
_entity.id
_entity.type
_entity.pdbx_description
1 polymer 'RmpD (Hexulose-6-phosphate synthase)'
2 non-polymer RIBULOSE-5-PHOSPHATE
3 water water
#
_entity_poly.entity_id   1
_entity_poly.type   'polypeptide(L)'
_entity_poly.pdbx_seq_one_letter_code
;MTKQLPNLQVALDHSNLKGAITAAVSVGNEVDVIEAGTVCLLQVGSELVEVLRSLFPDKIIVADTKCADAGGTVAKNNAV
RGADWMTCICSATIPTMKAARKAIEDINPDKGEIQVELYGDWTYDQAQQWLDAGISQAIYHQSRDALLAGETWGEKDLNK
VKKLIEMGFRVSVTGGLSVDTLKLFEGVDVFTFIAGRGITEAKNPAGAARAFKDEIKRIWG
;
_entity_poly.pdbx_strand_id   A,B,C,D
#
loop_
_chem_comp.id
_chem_comp.type
_chem_comp.name
_chem_comp.formula
5RP saccharide RIBULOSE-5-PHOSPHATE 'C5 H11 O8 P'
#
# COMPACT_ATOMS: atom_id res chain seq x y z
N LEU A 5 -4.08 -6.56 -12.57
CA LEU A 5 -2.88 -7.36 -12.19
C LEU A 5 -1.71 -7.07 -13.15
N PRO A 6 -0.46 -7.09 -12.63
CA PRO A 6 0.69 -6.98 -13.53
C PRO A 6 0.72 -8.07 -14.63
N ASN A 7 0.86 -7.63 -15.87
CA ASN A 7 1.07 -8.56 -16.99
C ASN A 7 2.30 -9.41 -16.83
N LEU A 8 2.23 -10.64 -17.33
CA LEU A 8 3.45 -11.39 -17.61
C LEU A 8 3.78 -11.37 -19.13
N GLN A 9 5.01 -10.99 -19.45
CA GLN A 9 5.45 -10.96 -20.85
C GLN A 9 6.67 -11.86 -21.02
N VAL A 10 6.67 -12.68 -22.08
CA VAL A 10 7.90 -13.41 -22.45
C VAL A 10 8.64 -12.67 -23.57
N ALA A 11 9.97 -12.52 -23.40
CA ALA A 11 10.84 -12.00 -24.43
C ALA A 11 11.42 -13.16 -25.25
N LEU A 12 11.09 -13.20 -26.54
CA LEU A 12 11.68 -14.18 -27.44
C LEU A 12 12.95 -13.56 -28.03
N ASP A 13 14.09 -13.96 -27.45
CA ASP A 13 15.41 -13.40 -27.80
C ASP A 13 16.30 -14.36 -28.57
N HIS A 14 15.68 -15.39 -29.13
CA HIS A 14 16.37 -16.45 -29.87
C HIS A 14 17.06 -15.89 -31.10
N SER A 15 18.06 -16.61 -31.58
CA SER A 15 18.84 -16.15 -32.71
C SER A 15 18.34 -16.76 -34.00
N ASN A 16 17.28 -17.53 -33.88
CA ASN A 16 16.69 -18.17 -35.03
C ASN A 16 15.20 -18.29 -34.83
N LEU A 17 14.53 -18.56 -35.95
CA LEU A 17 13.10 -18.50 -36.05
C LEU A 17 12.48 -19.67 -35.33
N LYS A 18 13.09 -20.84 -35.48
CA LYS A 18 12.54 -22.02 -34.85
C LYS A 18 12.55 -21.90 -33.31
N GLY A 19 13.57 -21.27 -32.76
CA GLY A 19 13.65 -21.06 -31.33
C GLY A 19 12.52 -20.17 -30.85
N ALA A 20 12.25 -19.10 -31.61
CA ALA A 20 11.22 -18.13 -31.23
C ALA A 20 9.83 -18.73 -31.33
N ILE A 21 9.59 -19.54 -32.34
CA ILE A 21 8.25 -20.07 -32.57
C ILE A 21 7.93 -21.16 -31.56
N THR A 22 8.91 -22.03 -31.30
CA THR A 22 8.77 -23.10 -30.35
C THR A 22 8.47 -22.58 -28.95
N ALA A 23 9.23 -21.60 -28.48
CA ALA A 23 9.02 -21.11 -27.13
C ALA A 23 7.64 -20.49 -27.05
N ALA A 24 7.30 -19.66 -28.03
CA ALA A 24 5.97 -19.02 -28.08
C ALA A 24 4.83 -20.06 -28.04
N VAL A 25 4.91 -21.07 -28.89
CA VAL A 25 3.88 -22.08 -28.89
C VAL A 25 3.79 -22.76 -27.51
N SER A 26 4.91 -22.96 -26.85
CA SER A 26 4.84 -23.74 -25.61
C SER A 26 4.44 -22.95 -24.37
N VAL A 27 4.60 -21.62 -24.39
CA VAL A 27 4.29 -20.83 -23.20
C VAL A 27 3.20 -19.80 -23.42
N GLY A 28 2.75 -19.69 -24.67
CA GLY A 28 1.83 -18.64 -25.07
C GLY A 28 0.54 -18.49 -24.27
N ASN A 29 -0.05 -19.58 -23.83
CA ASN A 29 -1.27 -19.49 -23.05
C ASN A 29 -1.04 -19.13 -21.60
N GLU A 30 0.15 -19.43 -21.09
CA GLU A 30 0.58 -18.96 -19.77
C GLU A 30 0.92 -17.45 -19.62
N VAL A 31 1.05 -16.69 -20.72
CA VAL A 31 1.51 -15.27 -20.63
C VAL A 31 0.47 -14.30 -21.16
N ASP A 32 0.61 -13.03 -20.81
CA ASP A 32 -0.33 -12.01 -21.27
C ASP A 32 0.14 -11.26 -22.51
N VAL A 33 1.45 -11.20 -22.71
CA VAL A 33 2.07 -10.47 -23.77
C VAL A 33 3.17 -11.34 -24.37
N ILE A 34 3.25 -11.44 -25.70
CA ILE A 34 4.36 -12.09 -26.37
C ILE A 34 5.24 -11.07 -27.11
N GLU A 35 6.55 -11.09 -26.84
CA GLU A 35 7.49 -10.11 -27.41
C GLU A 35 8.45 -10.75 -28.38
N ALA A 36 8.47 -10.24 -29.61
CA ALA A 36 9.53 -10.62 -30.53
C ALA A 36 10.73 -9.74 -30.23
N GLY A 37 11.77 -10.35 -29.68
CA GLY A 37 12.90 -9.57 -29.18
C GLY A 37 13.84 -9.10 -30.27
N THR A 38 14.48 -7.97 -29.99
CA THR A 38 15.42 -7.36 -30.90
C THR A 38 16.38 -8.37 -31.54
N VAL A 39 17.06 -9.16 -30.72
CA VAL A 39 18.04 -10.13 -31.21
C VAL A 39 17.38 -10.99 -32.27
N CYS A 40 16.13 -11.33 -32.03
CA CYS A 40 15.43 -12.21 -32.94
C CYS A 40 15.05 -11.51 -34.23
N LEU A 41 14.50 -10.30 -34.14
CA LEU A 41 14.06 -9.54 -35.31
C LEU A 41 15.23 -9.22 -36.24
N LEU A 42 16.35 -8.83 -35.66
CA LEU A 42 17.57 -8.58 -36.40
C LEU A 42 18.03 -9.85 -37.12
N GLN A 43 17.61 -11.04 -36.66
CA GLN A 43 17.97 -12.28 -37.35
C GLN A 43 17.00 -12.74 -38.43
N VAL A 44 15.72 -12.66 -38.12
CA VAL A 44 14.70 -13.32 -38.94
C VAL A 44 13.83 -12.31 -39.67
N GLY A 45 13.88 -11.04 -39.25
CA GLY A 45 13.05 -9.99 -39.87
C GLY A 45 11.64 -9.98 -39.31
N SER A 46 10.78 -9.15 -39.85
CA SER A 46 9.48 -8.95 -39.22
C SER A 46 8.42 -10.00 -39.54
N GLU A 47 8.71 -10.97 -40.40
CA GLU A 47 7.68 -11.98 -40.66
C GLU A 47 7.30 -12.70 -39.35
N LEU A 48 8.29 -12.87 -38.48
CA LEU A 48 8.07 -13.45 -37.17
C LEU A 48 6.82 -12.85 -36.50
N VAL A 49 6.68 -11.53 -36.56
CA VAL A 49 5.54 -10.87 -35.94
C VAL A 49 4.22 -11.44 -36.50
N GLU A 50 4.15 -11.50 -37.83
CA GLU A 50 2.96 -12.01 -38.53
C GLU A 50 2.58 -13.43 -38.12
N VAL A 51 3.57 -14.32 -38.02
CA VAL A 51 3.30 -15.69 -37.56
C VAL A 51 2.93 -15.78 -36.08
N LEU A 52 3.46 -14.88 -35.25
CA LEU A 52 2.99 -14.86 -33.88
C LEU A 52 1.55 -14.41 -33.87
N ARG A 53 1.23 -13.39 -34.66
CA ARG A 53 -0.14 -12.84 -34.68
C ARG A 53 -1.10 -13.92 -35.15
N SER A 54 -0.68 -14.67 -36.14
CA SER A 54 -1.49 -15.77 -36.64
C SER A 54 -1.64 -16.88 -35.59
N LEU A 55 -0.58 -17.13 -34.81
CA LEU A 55 -0.62 -18.14 -33.76
C LEU A 55 -1.47 -17.69 -32.56
N PHE A 56 -1.57 -16.38 -32.35
CA PHE A 56 -2.24 -15.83 -31.18
C PHE A 56 -3.02 -14.59 -31.59
N PRO A 57 -4.22 -14.81 -32.18
CA PRO A 57 -5.06 -13.72 -32.71
C PRO A 57 -5.39 -12.61 -31.71
N ASP A 58 -5.45 -12.92 -30.42
CA ASP A 58 -5.91 -11.95 -29.39
C ASP A 58 -4.85 -11.45 -28.40
N LYS A 59 -3.77 -12.20 -28.25
CA LYS A 59 -2.66 -11.80 -27.38
C LYS A 59 -2.12 -10.41 -27.77
N ILE A 60 -1.53 -9.73 -26.80
CA ILE A 60 -0.75 -8.54 -27.08
C ILE A 60 0.63 -9.00 -27.55
N ILE A 61 1.05 -8.49 -28.71
CA ILE A 61 2.36 -8.82 -29.28
C ILE A 61 3.23 -7.58 -29.40
N VAL A 62 4.47 -7.72 -28.94
CA VAL A 62 5.45 -6.68 -28.97
C VAL A 62 6.49 -6.96 -30.07
N ALA A 63 6.71 -5.94 -30.91
CA ALA A 63 7.86 -5.90 -31.80
C ALA A 63 8.94 -5.08 -31.12
N ASP A 64 9.99 -5.74 -30.64
CA ASP A 64 11.03 -5.05 -29.88
C ASP A 64 12.12 -4.51 -30.82
N THR A 65 11.83 -3.40 -31.48
CA THR A 65 12.71 -2.91 -32.51
C THR A 65 13.73 -1.92 -31.97
N LYS A 66 13.44 -1.31 -30.82
CA LYS A 66 14.36 -0.34 -30.23
C LYS A 66 14.70 0.66 -31.33
N CYS A 67 13.65 1.11 -32.00
CA CYS A 67 13.74 2.03 -33.09
C CYS A 67 14.41 3.32 -32.65
N ALA A 68 15.39 3.78 -33.43
CA ALA A 68 16.10 4.99 -33.07
C ALA A 68 15.79 6.06 -34.09
N ASP A 69 15.16 5.65 -35.18
CA ASP A 69 15.02 6.52 -36.32
C ASP A 69 14.11 5.91 -37.38
N ALA A 70 13.67 6.77 -38.32
CA ALA A 70 12.71 6.38 -39.35
C ALA A 70 11.53 5.72 -38.66
N GLY A 71 11.11 6.33 -37.54
CA GLY A 71 10.02 5.83 -36.71
C GLY A 71 8.76 5.48 -37.46
N GLY A 72 8.35 6.33 -38.40
CA GLY A 72 7.18 6.05 -39.22
C GLY A 72 7.30 4.78 -40.08
N THR A 73 8.47 4.58 -40.67
CA THR A 73 8.64 3.39 -41.48
C THR A 73 8.64 2.15 -40.59
N VAL A 74 9.53 2.14 -39.61
CA VAL A 74 9.67 0.98 -38.73
C VAL A 74 8.38 0.63 -37.98
N ALA A 75 7.63 1.63 -37.52
CA ALA A 75 6.36 1.33 -36.86
C ALA A 75 5.34 0.73 -37.84
N LYS A 76 5.26 1.29 -39.05
CA LYS A 76 4.33 0.77 -40.04
C LYS A 76 4.70 -0.65 -40.45
N ASN A 77 5.98 -0.85 -40.76
CA ASN A 77 6.46 -2.16 -41.13
C ASN A 77 6.08 -3.23 -40.14
N ASN A 78 6.08 -2.91 -38.85
CA ASN A 78 5.73 -3.92 -37.86
C ASN A 78 4.24 -3.97 -37.56
N ALA A 79 3.56 -2.84 -37.71
CA ALA A 79 2.12 -2.80 -37.51
C ALA A 79 1.35 -3.55 -38.56
N VAL A 80 1.80 -3.53 -39.82
CA VAL A 80 1.06 -4.27 -40.86
C VAL A 80 1.28 -5.76 -40.70
N ARG A 81 2.26 -6.13 -39.87
CA ARG A 81 2.51 -7.52 -39.56
C ARG A 81 1.67 -7.97 -38.39
N GLY A 82 0.96 -7.03 -37.75
CA GLY A 82 0.13 -7.33 -36.59
C GLY A 82 0.65 -6.96 -35.21
N ALA A 83 1.70 -6.14 -35.11
CA ALA A 83 2.22 -5.78 -33.80
C ALA A 83 1.28 -4.82 -33.05
N ASP A 84 1.12 -4.99 -31.74
CA ASP A 84 0.31 -4.04 -30.97
C ASP A 84 1.17 -2.93 -30.38
N TRP A 85 2.32 -3.32 -29.83
CA TRP A 85 3.25 -2.38 -29.20
C TRP A 85 4.62 -2.46 -29.87
N MET A 86 5.29 -1.32 -30.00
CA MET A 86 6.65 -1.26 -30.55
C MET A 86 7.53 -0.43 -29.65
N THR A 87 8.73 -0.91 -29.38
CA THR A 87 9.68 -0.14 -28.60
C THR A 87 10.44 0.92 -29.46
N CYS A 88 10.60 2.13 -28.92
CA CYS A 88 11.62 3.07 -29.38
C CYS A 88 12.67 3.22 -28.30
N ILE A 89 13.96 3.24 -28.66
CA ILE A 89 15.05 3.51 -27.69
C ILE A 89 14.95 4.94 -27.18
N CYS A 90 15.25 5.15 -25.91
CA CYS A 90 14.99 6.48 -25.31
C CYS A 90 15.82 7.61 -25.93
N SER A 91 16.81 7.26 -26.77
CA SER A 91 17.64 8.27 -27.47
C SER A 91 17.10 8.69 -28.83
N ALA A 92 16.06 8.01 -29.29
CA ALA A 92 15.40 8.47 -30.49
C ALA A 92 14.83 9.85 -30.18
N THR A 93 14.79 10.71 -31.18
CA THR A 93 14.27 12.05 -31.00
C THR A 93 12.75 12.00 -30.88
N ILE A 94 12.17 13.00 -30.22
CA ILE A 94 10.71 13.17 -30.12
C ILE A 94 9.97 13.07 -31.46
N PRO A 95 10.42 13.80 -32.53
CA PRO A 95 9.75 13.62 -33.84
C PRO A 95 9.73 12.17 -34.29
N THR A 96 10.86 11.48 -34.11
CA THR A 96 10.94 10.03 -34.40
C THR A 96 9.89 9.25 -33.60
N MET A 97 9.77 9.57 -32.32
CA MET A 97 8.78 8.91 -31.48
C MET A 97 7.37 9.26 -31.86
N LYS A 98 7.11 10.52 -32.17
CA LYS A 98 5.81 10.93 -32.72
C LYS A 98 5.45 10.24 -34.02
N ALA A 99 6.39 10.17 -34.97
CA ALA A 99 6.10 9.54 -36.27
C ALA A 99 5.72 8.07 -36.06
N ALA A 100 6.45 7.42 -35.14
CA ALA A 100 6.23 6.02 -34.80
C ALA A 100 4.85 5.83 -34.20
N ARG A 101 4.51 6.68 -33.23
CA ARG A 101 3.21 6.58 -32.60
C ARG A 101 2.08 6.73 -33.61
N LYS A 102 2.20 7.72 -34.48
CA LYS A 102 1.14 8.03 -35.43
C LYS A 102 0.93 6.87 -36.40
N ALA A 103 2.02 6.29 -36.90
CA ALA A 103 1.93 5.12 -37.77
C ALA A 103 1.22 3.92 -37.09
N ILE A 104 1.62 3.61 -35.85
CA ILE A 104 1.06 2.42 -35.20
C ILE A 104 -0.44 2.60 -34.90
N GLU A 105 -0.82 3.81 -34.48
CA GLU A 105 -2.23 4.14 -34.22
C GLU A 105 -3.03 4.18 -35.50
N ASP A 106 -2.39 4.58 -36.58
CA ASP A 106 -3.05 4.66 -37.85
C ASP A 106 -3.47 3.26 -38.33
N ILE A 107 -2.61 2.27 -38.14
CA ILE A 107 -2.87 0.90 -38.58
C ILE A 107 -3.51 0.02 -37.50
N ASN A 108 -3.20 0.30 -36.24
CA ASN A 108 -3.80 -0.43 -35.11
C ASN A 108 -4.45 0.53 -34.13
N PRO A 109 -5.61 1.08 -34.49
CA PRO A 109 -6.25 2.07 -33.61
C PRO A 109 -6.63 1.50 -32.25
N ASP A 110 -6.95 0.23 -32.18
CA ASP A 110 -7.42 -0.36 -30.92
C ASP A 110 -6.33 -0.49 -29.85
N LYS A 111 -5.21 -1.13 -30.20
CA LYS A 111 -4.20 -1.48 -29.21
C LYS A 111 -2.82 -0.82 -29.46
N GLY A 112 -2.70 -0.09 -30.57
CA GLY A 112 -1.41 0.42 -31.03
C GLY A 112 -0.72 1.42 -30.11
N GLU A 113 0.49 1.09 -29.69
CA GLU A 113 1.24 1.98 -28.79
C GLU A 113 2.75 1.86 -28.97
N ILE A 114 3.46 2.89 -28.52
CA ILE A 114 4.91 2.91 -28.44
C ILE A 114 5.33 2.73 -26.98
N GLN A 115 6.42 2.02 -26.78
CA GLN A 115 7.08 1.87 -25.49
C GLN A 115 8.49 2.42 -25.58
N VAL A 116 8.89 3.14 -24.53
CA VAL A 116 10.23 3.68 -24.47
C VAL A 116 11.15 2.73 -23.69
N GLU A 117 12.16 2.22 -24.38
CA GLU A 117 13.24 1.44 -23.81
C GLU A 117 14.33 2.34 -23.19
N LEU A 118 14.51 2.19 -21.88
CA LEU A 118 15.37 3.04 -21.09
C LEU A 118 16.73 2.40 -21.01
N TYR A 119 17.67 3.01 -21.72
CA TYR A 119 19.05 2.62 -21.66
C TYR A 119 19.92 3.87 -21.47
N GLY A 120 21.08 3.73 -20.81
CA GLY A 120 21.99 4.87 -20.59
C GLY A 120 21.37 6.01 -19.77
N ASP A 121 21.88 7.22 -19.96
CA ASP A 121 21.52 8.37 -19.13
C ASP A 121 20.36 9.17 -19.69
N TRP A 122 19.15 8.72 -19.43
CA TRP A 122 17.93 9.46 -19.83
C TRP A 122 17.48 10.41 -18.69
N THR A 123 16.65 11.39 -19.00
CA THR A 123 16.22 12.33 -17.96
C THR A 123 14.71 12.27 -17.71
N TYR A 124 14.27 12.79 -16.56
CA TYR A 124 12.85 12.93 -16.24
C TYR A 124 12.21 13.98 -17.11
N ASP A 125 13.02 14.91 -17.62
CA ASP A 125 12.51 15.90 -18.60
C ASP A 125 12.36 15.31 -20.00
N GLN A 126 13.27 14.40 -20.39
CA GLN A 126 12.99 13.54 -21.55
C GLN A 126 11.72 12.73 -21.30
N ALA A 127 11.65 12.07 -20.13
CA ALA A 127 10.47 11.29 -19.73
C ALA A 127 9.17 12.07 -19.93
N GLN A 128 9.12 13.28 -19.36
CA GLN A 128 7.98 14.19 -19.52
C GLN A 128 7.68 14.52 -20.98
N GLN A 129 8.75 14.74 -21.75
CA GLN A 129 8.63 14.97 -23.18
C GLN A 129 7.87 13.83 -23.87
N TRP A 130 8.22 12.58 -23.51
CA TRP A 130 7.53 11.40 -24.06
C TRP A 130 6.03 11.44 -23.78
N LEU A 131 5.65 11.67 -22.52
CA LEU A 131 4.24 11.82 -22.15
C LEU A 131 3.54 12.86 -23.01
N ASP A 132 4.18 14.01 -23.18
CA ASP A 132 3.58 15.08 -23.98
C ASP A 132 3.41 14.68 -25.44
N ALA A 133 4.25 13.77 -25.91
CA ALA A 133 4.14 13.27 -27.27
C ALA A 133 3.10 12.17 -27.33
N GLY A 134 2.47 11.90 -26.19
CA GLY A 134 1.33 11.00 -26.11
C GLY A 134 1.78 9.59 -25.87
N ILE A 135 3.02 9.43 -25.39
CA ILE A 135 3.58 8.11 -25.16
C ILE A 135 3.69 7.87 -23.66
N SER A 136 3.12 6.78 -23.18
CA SER A 136 3.00 6.57 -21.74
C SER A 136 3.41 5.19 -21.25
N GLN A 137 4.22 4.47 -22.04
CA GLN A 137 4.87 3.26 -21.54
C GLN A 137 6.40 3.35 -21.56
N ALA A 138 7.03 2.91 -20.49
CA ALA A 138 8.47 2.81 -20.47
C ALA A 138 8.82 1.44 -19.95
N ILE A 139 10.00 0.97 -20.34
CA ILE A 139 10.47 -0.33 -19.97
C ILE A 139 11.80 -0.10 -19.33
N TYR A 140 11.83 -0.43 -18.04
CA TYR A 140 12.99 -0.23 -17.17
C TYR A 140 13.77 -1.54 -16.98
N HIS A 141 15.09 -1.44 -17.10
CA HIS A 141 16.00 -2.58 -16.99
C HIS A 141 16.80 -2.58 -15.68
N GLN A 142 16.78 -3.72 -14.97
CA GLN A 142 17.61 -3.95 -13.79
C GLN A 142 19.08 -3.68 -14.17
N SER A 143 19.80 -3.00 -13.27
CA SER A 143 21.21 -2.61 -13.48
C SER A 143 22.23 -3.74 -13.21
N ARG A 144 23.29 -3.85 -14.04
CA ARG A 144 24.35 -4.87 -13.85
C ARG A 144 25.56 -4.27 -13.14
N GLY A 154 17.83 -3.79 -6.41
CA GLY A 154 18.26 -2.83 -5.40
C GLY A 154 17.32 -1.64 -5.29
N GLU A 155 17.36 -0.93 -4.16
CA GLU A 155 16.53 0.26 -3.90
C GLU A 155 16.58 1.32 -5.01
N LYS A 156 17.78 1.60 -5.51
CA LYS A 156 17.98 2.61 -6.56
C LYS A 156 17.09 2.32 -7.79
N ASP A 157 17.00 1.04 -8.18
CA ASP A 157 16.11 0.60 -9.26
C ASP A 157 14.63 0.81 -8.90
N LEU A 158 14.24 0.23 -7.76
CA LEU A 158 12.87 0.30 -7.28
C LEU A 158 12.37 1.71 -7.25
N ASN A 159 13.22 2.62 -6.78
CA ASN A 159 12.88 4.03 -6.71
C ASN A 159 12.68 4.68 -8.06
N LYS A 160 13.50 4.33 -9.05
CA LYS A 160 13.27 4.88 -10.39
C LYS A 160 11.93 4.42 -10.97
N VAL A 161 11.58 3.16 -10.73
CA VAL A 161 10.30 2.63 -11.20
C VAL A 161 9.14 3.39 -10.57
N LYS A 162 9.20 3.67 -9.26
CA LYS A 162 8.08 4.35 -8.59
C LYS A 162 7.88 5.74 -9.14
N LYS A 163 8.98 6.44 -9.37
CA LYS A 163 8.94 7.81 -9.88
C LYS A 163 8.33 7.82 -11.28
N LEU A 164 8.71 6.84 -12.11
CA LEU A 164 8.14 6.71 -13.45
C LEU A 164 6.64 6.42 -13.41
N ILE A 165 6.22 5.52 -12.52
CA ILE A 165 4.80 5.23 -12.31
C ILE A 165 4.07 6.49 -11.85
N GLU A 166 4.72 7.22 -10.94
CA GLU A 166 4.16 8.42 -10.39
C GLU A 166 4.07 9.59 -11.40
N MET A 167 4.89 9.60 -12.44
CA MET A 167 4.72 10.61 -13.51
C MET A 167 3.57 10.25 -14.43
N GLY A 168 3.09 9.01 -14.40
CA GLY A 168 1.97 8.61 -15.26
C GLY A 168 2.27 7.56 -16.35
N PHE A 169 3.47 6.99 -16.32
CA PHE A 169 3.83 5.86 -17.16
C PHE A 169 3.31 4.55 -16.61
N ARG A 170 2.85 3.69 -17.50
CA ARG A 170 2.77 2.26 -17.22
C ARG A 170 4.17 1.68 -17.45
N VAL A 171 4.91 1.44 -16.37
CA VAL A 171 6.28 0.90 -16.41
C VAL A 171 6.29 -0.62 -16.51
N SER A 172 7.09 -1.12 -17.46
CA SER A 172 7.46 -2.55 -17.55
C SER A 172 8.83 -2.74 -16.91
N VAL A 173 9.03 -3.83 -16.19
CA VAL A 173 10.33 -4.10 -15.56
C VAL A 173 10.91 -5.40 -16.05
N THR A 174 12.21 -5.40 -16.32
CA THR A 174 12.84 -6.55 -16.92
C THR A 174 14.33 -6.58 -16.57
N GLY A 175 14.98 -7.72 -16.83
CA GLY A 175 16.42 -7.89 -16.54
C GLY A 175 16.65 -8.96 -15.49
N GLY A 176 16.99 -10.16 -15.96
CA GLY A 176 17.28 -11.30 -15.10
C GLY A 176 16.24 -11.56 -14.03
N LEU A 177 14.97 -11.37 -14.37
CA LEU A 177 13.91 -11.63 -13.41
C LEU A 177 13.73 -13.12 -13.13
N SER A 178 14.01 -13.48 -11.88
CA SER A 178 13.58 -14.74 -11.32
C SER A 178 12.15 -14.53 -10.81
N VAL A 179 11.42 -15.62 -10.57
CA VAL A 179 10.09 -15.55 -9.95
C VAL A 179 10.22 -15.17 -8.48
N ASP A 180 11.36 -15.54 -7.91
CA ASP A 180 11.66 -15.38 -6.50
C ASP A 180 11.97 -13.92 -6.17
N THR A 181 11.89 -13.06 -7.18
CA THR A 181 12.24 -11.66 -7.01
C THR A 181 11.10 -10.70 -7.39
N LEU A 182 9.86 -11.19 -7.44
CA LEU A 182 8.75 -10.29 -7.69
C LEU A 182 8.26 -9.71 -6.38
N LYS A 183 8.54 -10.41 -5.28
CA LYS A 183 8.20 -9.96 -3.90
C LYS A 183 8.76 -8.59 -3.59
N LEU A 184 9.97 -8.29 -4.06
CA LEU A 184 10.55 -6.99 -3.77
C LEU A 184 9.89 -5.81 -4.49
N PHE A 185 8.82 -6.08 -5.25
CA PHE A 185 8.04 -5.05 -5.94
C PHE A 185 6.64 -4.88 -5.36
N GLU A 186 6.37 -5.57 -4.25
CA GLU A 186 5.04 -5.57 -3.63
C GLU A 186 4.49 -4.17 -3.34
N GLY A 187 3.23 -3.93 -3.66
CA GLY A 187 2.63 -2.61 -3.48
C GLY A 187 3.12 -1.58 -4.49
N VAL A 188 4.01 -1.99 -5.40
CA VAL A 188 4.44 -1.17 -6.57
C VAL A 188 3.50 -1.51 -7.73
N ASP A 189 2.95 -0.48 -8.37
CA ASP A 189 2.03 -0.68 -9.47
C ASP A 189 2.69 -1.05 -10.84
N VAL A 190 3.56 -2.06 -10.84
CA VAL A 190 4.20 -2.54 -12.05
C VAL A 190 3.14 -2.94 -13.08
N PHE A 191 3.30 -2.46 -14.30
CA PHE A 191 2.34 -2.74 -15.35
C PHE A 191 2.58 -4.12 -15.98
N THR A 192 3.85 -4.47 -16.18
CA THR A 192 4.23 -5.72 -16.87
C THR A 192 5.59 -6.14 -16.38
N PHE A 193 5.77 -7.45 -16.15
CA PHE A 193 7.09 -8.01 -15.90
C PHE A 193 7.50 -8.78 -17.13
N ILE A 194 8.69 -8.48 -17.63
CA ILE A 194 9.14 -9.14 -18.82
C ILE A 194 10.17 -10.17 -18.42
N ALA A 195 9.85 -11.44 -18.67
CA ALA A 195 10.82 -12.49 -18.44
C ALA A 195 11.26 -13.09 -19.75
N GLY A 196 12.57 -13.07 -19.96
CA GLY A 196 13.22 -13.79 -21.05
C GLY A 196 13.73 -15.14 -20.57
N ARG A 197 15.02 -15.21 -20.27
CA ARG A 197 15.70 -16.48 -19.95
C ARG A 197 15.12 -17.32 -18.80
N GLY A 198 14.50 -16.66 -17.84
CA GLY A 198 13.83 -17.36 -16.75
C GLY A 198 12.68 -18.22 -17.24
N ILE A 199 12.03 -17.81 -18.34
CA ILE A 199 11.03 -18.64 -19.01
C ILE A 199 11.64 -19.50 -20.11
N THR A 200 12.39 -18.87 -20.99
CA THR A 200 12.82 -19.47 -22.26
C THR A 200 13.97 -20.47 -22.14
N GLU A 201 14.61 -20.53 -20.98
CA GLU A 201 15.74 -21.43 -20.76
C GLU A 201 15.54 -22.25 -19.50
N ALA A 202 14.37 -22.09 -18.88
CA ALA A 202 13.90 -22.96 -17.82
C ALA A 202 13.88 -24.37 -18.36
N LYS A 203 13.82 -25.36 -17.47
CA LYS A 203 13.64 -26.71 -17.98
C LYS A 203 12.17 -27.08 -18.16
N ASN A 204 11.27 -26.40 -17.45
CA ASN A 204 9.85 -26.45 -17.81
C ASN A 204 9.30 -25.08 -18.16
N PRO A 205 9.57 -24.59 -19.41
CA PRO A 205 9.15 -23.27 -19.83
C PRO A 205 7.67 -22.97 -19.54
N ALA A 206 6.77 -23.87 -19.90
CA ALA A 206 5.35 -23.66 -19.62
C ALA A 206 5.03 -23.65 -18.12
N GLY A 207 5.78 -24.43 -17.34
CA GLY A 207 5.65 -24.44 -15.89
C GLY A 207 6.20 -23.13 -15.31
N ALA A 208 7.43 -22.78 -15.73
CA ALA A 208 8.09 -21.53 -15.31
C ALA A 208 7.18 -20.31 -15.50
N ALA A 209 6.61 -20.18 -16.69
CA ALA A 209 5.66 -19.12 -16.94
C ALA A 209 4.51 -19.16 -15.95
N ARG A 210 3.99 -20.35 -15.64
CA ARG A 210 2.90 -20.42 -14.66
C ARG A 210 3.38 -20.01 -13.28
N ALA A 211 4.58 -20.47 -12.90
CA ALA A 211 5.18 -20.07 -11.63
C ALA A 211 5.16 -18.54 -11.52
N PHE A 212 5.64 -17.87 -12.57
CA PHE A 212 5.63 -16.42 -12.64
C PHE A 212 4.24 -15.82 -12.45
N LYS A 213 3.27 -16.14 -13.32
CA LYS A 213 1.96 -15.47 -13.20
C LYS A 213 1.16 -15.87 -11.95
N ASP A 214 1.48 -17.04 -11.38
CA ASP A 214 0.92 -17.46 -10.08
C ASP A 214 1.45 -16.59 -8.94
N GLU A 215 2.78 -16.45 -8.88
CA GLU A 215 3.45 -15.59 -7.91
C GLU A 215 2.89 -14.18 -7.97
N ILE A 216 2.59 -13.73 -9.19
CA ILE A 216 2.05 -12.38 -9.41
C ILE A 216 0.64 -12.38 -8.85
N LYS A 217 -0.05 -13.51 -8.97
CA LYS A 217 -1.43 -13.59 -8.47
C LYS A 217 -1.52 -13.49 -6.94
N ARG A 218 -0.61 -14.13 -6.21
CA ARG A 218 -0.60 -13.89 -4.77
C ARG A 218 -0.36 -12.42 -4.52
N ILE A 219 0.85 -11.95 -4.85
CA ILE A 219 1.32 -10.62 -4.41
C ILE A 219 0.35 -9.47 -4.69
N TRP A 220 -0.12 -9.36 -5.93
CA TRP A 220 -1.00 -8.26 -6.35
C TRP A 220 -2.40 -8.80 -6.43
N GLY A 221 -3.37 -7.92 -6.68
CA GLY A 221 -4.76 -8.33 -6.90
C GLY A 221 -5.37 -9.15 -5.78
N GLN B 4 -10.36 19.62 9.12
CA GLN B 4 -11.56 20.08 8.34
C GLN B 4 -12.39 18.92 7.78
N LEU B 5 -11.73 17.91 7.20
CA LEU B 5 -12.41 16.68 6.76
C LEU B 5 -12.79 15.77 7.95
N PRO B 6 -13.81 14.89 7.78
CA PRO B 6 -14.09 13.90 8.84
C PRO B 6 -12.92 12.94 9.07
N ASN B 7 -12.53 12.78 10.35
CA ASN B 7 -11.48 11.84 10.74
C ASN B 7 -11.86 10.42 10.42
N LEU B 8 -10.85 9.58 10.11
CA LEU B 8 -11.00 8.13 10.08
C LEU B 8 -10.42 7.57 11.40
N GLN B 9 -11.25 6.82 12.14
CA GLN B 9 -10.84 6.25 13.39
C GLN B 9 -10.91 4.72 13.28
N VAL B 10 -9.87 4.03 13.80
CA VAL B 10 -9.91 2.56 13.88
C VAL B 10 -10.04 2.12 15.33
N ALA B 11 -11.05 1.28 15.57
CA ALA B 11 -11.36 0.74 16.89
C ALA B 11 -10.68 -0.60 16.98
N LEU B 12 -9.83 -0.76 17.98
CA LEU B 12 -9.19 -2.05 18.23
C LEU B 12 -9.95 -2.73 19.36
N ASP B 13 -10.80 -3.69 19.01
CA ASP B 13 -11.62 -4.35 20.04
C ASP B 13 -11.17 -5.79 20.29
N HIS B 14 -9.87 -6.05 20.16
CA HIS B 14 -9.33 -7.40 20.21
C HIS B 14 -9.26 -7.89 21.65
N SER B 15 -9.24 -9.20 21.83
CA SER B 15 -9.25 -9.77 23.19
C SER B 15 -7.87 -10.03 23.75
N ASN B 16 -6.84 -9.70 22.98
CA ASN B 16 -5.47 -9.92 23.38
C ASN B 16 -4.54 -8.84 22.86
N LEU B 17 -3.42 -8.67 23.54
CA LEU B 17 -2.53 -7.56 23.27
C LEU B 17 -1.98 -7.55 21.84
N LYS B 18 -1.62 -8.71 21.33
CA LYS B 18 -1.06 -8.81 20.00
C LYS B 18 -2.06 -8.43 18.92
N GLY B 19 -3.33 -8.78 19.09
CA GLY B 19 -4.32 -8.49 18.06
C GLY B 19 -4.43 -6.98 17.92
N ALA B 20 -4.49 -6.28 19.05
CA ALA B 20 -4.62 -4.85 19.00
C ALA B 20 -3.38 -4.23 18.37
N ILE B 21 -2.20 -4.74 18.71
CA ILE B 21 -0.97 -4.06 18.29
C ILE B 21 -0.75 -4.24 16.81
N THR B 22 -0.79 -5.51 16.38
CA THR B 22 -0.73 -5.87 14.98
C THR B 22 -1.74 -5.07 14.16
N ALA B 23 -2.96 -4.90 14.65
CA ALA B 23 -3.98 -4.24 13.83
C ALA B 23 -3.68 -2.75 13.70
N ALA B 24 -3.19 -2.17 14.78
CA ALA B 24 -2.89 -0.75 14.83
C ALA B 24 -1.72 -0.49 13.94
N VAL B 25 -0.77 -1.41 13.95
CA VAL B 25 0.38 -1.24 13.13
C VAL B 25 -0.02 -1.36 11.66
N SER B 26 -0.90 -2.32 11.35
CA SER B 26 -1.24 -2.57 9.94
C SER B 26 -1.92 -1.38 9.26
N VAL B 27 -2.65 -0.58 10.01
CA VAL B 27 -3.41 0.53 9.44
C VAL B 27 -3.06 1.92 9.99
N GLY B 28 -2.15 1.98 10.97
CA GLY B 28 -1.86 3.19 11.74
C GLY B 28 -1.67 4.46 10.93
N ASN B 29 -0.82 4.40 9.91
CA ASN B 29 -0.51 5.58 9.07
C ASN B 29 -1.65 5.98 8.13
N GLU B 30 -2.60 5.07 7.90
CA GLU B 30 -3.77 5.40 7.08
C GLU B 30 -4.93 6.13 7.82
N VAL B 31 -4.92 6.10 9.15
CA VAL B 31 -6.06 6.61 9.94
C VAL B 31 -5.63 7.87 10.62
N ASP B 32 -6.59 8.61 11.18
CA ASP B 32 -6.28 9.84 11.92
C ASP B 32 -6.31 9.58 13.43
N VAL B 33 -7.16 8.64 13.85
CA VAL B 33 -7.41 8.34 15.25
C VAL B 33 -7.26 6.85 15.49
N ILE B 34 -6.59 6.47 16.58
CA ILE B 34 -6.51 5.08 17.00
C ILE B 34 -7.13 4.88 18.37
N GLU B 35 -8.03 3.88 18.42
CA GLU B 35 -8.84 3.62 19.60
C GLU B 35 -8.57 2.26 20.22
N ALA B 36 -8.08 2.28 21.46
CA ALA B 36 -7.97 1.07 22.26
C ALA B 36 -9.35 0.82 22.83
N GLY B 37 -10.03 -0.17 22.26
CA GLY B 37 -11.44 -0.41 22.55
C GLY B 37 -11.68 -1.05 23.90
N THR B 38 -12.88 -0.81 24.43
CA THR B 38 -13.23 -1.30 25.75
C THR B 38 -12.92 -2.77 25.97
N VAL B 39 -13.23 -3.64 25.01
CA VAL B 39 -13.00 -5.07 25.28
C VAL B 39 -11.52 -5.37 25.41
N CYS B 40 -10.70 -4.63 24.68
CA CYS B 40 -9.28 -4.83 24.77
C CYS B 40 -8.75 -4.36 26.13
N LEU B 41 -9.12 -3.16 26.55
CA LEU B 41 -8.62 -2.63 27.80
C LEU B 41 -9.01 -3.55 28.95
N LEU B 42 -10.25 -4.03 29.00
CA LEU B 42 -10.63 -4.93 30.09
C LEU B 42 -9.81 -6.21 30.05
N GLN B 43 -9.24 -6.52 28.88
CA GLN B 43 -8.37 -7.69 28.78
C GLN B 43 -6.91 -7.43 29.14
N VAL B 44 -6.38 -6.30 28.65
CA VAL B 44 -4.96 -6.00 28.79
C VAL B 44 -4.62 -4.81 29.69
N GLY B 45 -5.60 -3.96 30.00
CA GLY B 45 -5.36 -2.77 30.78
C GLY B 45 -4.62 -1.69 30.00
N SER B 46 -4.09 -0.70 30.70
CA SER B 46 -3.80 0.58 30.08
C SER B 46 -2.41 0.72 29.47
N GLU B 47 -1.60 -0.32 29.54
CA GLU B 47 -0.26 -0.21 29.01
C GLU B 47 -0.37 -0.12 27.48
N LEU B 48 -1.36 -0.84 26.94
CA LEU B 48 -1.68 -0.79 25.52
C LEU B 48 -1.72 0.63 25.02
N VAL B 49 -2.31 1.52 25.80
CA VAL B 49 -2.40 2.93 25.45
C VAL B 49 -1.00 3.56 25.26
N GLU B 50 -0.08 3.31 26.21
CA GLU B 50 1.26 3.86 26.19
C GLU B 50 2.04 3.36 25.00
N VAL B 51 1.87 2.06 24.72
CA VAL B 51 2.47 1.41 23.56
C VAL B 51 2.02 2.12 22.27
N LEU B 52 0.70 2.25 22.12
CA LEU B 52 0.12 2.97 21.01
C LEU B 52 0.68 4.39 20.88
N ARG B 53 0.79 5.12 22.00
CA ARG B 53 1.33 6.48 21.97
C ARG B 53 2.75 6.45 21.41
N SER B 54 3.51 5.47 21.87
CA SER B 54 4.89 5.39 21.49
C SER B 54 5.06 5.06 20.00
N LEU B 55 4.13 4.28 19.45
CA LEU B 55 4.21 3.90 18.05
C LEU B 55 3.68 5.02 17.17
N PHE B 56 2.79 5.83 17.71
CA PHE B 56 2.12 6.85 16.93
C PHE B 56 2.10 8.18 17.65
N PRO B 57 3.30 8.82 17.76
CA PRO B 57 3.47 9.99 18.61
C PRO B 57 2.52 11.10 18.20
N ASP B 58 2.10 11.04 16.93
CA ASP B 58 1.37 12.09 16.23
C ASP B 58 -0.14 11.87 16.32
N LYS B 59 -0.59 10.64 16.01
CA LYS B 59 -2.00 10.25 16.04
C LYS B 59 -2.73 10.65 17.30
N ILE B 60 -4.00 11.01 17.13
CA ILE B 60 -4.93 11.08 18.26
C ILE B 60 -5.22 9.66 18.77
N ILE B 61 -5.10 9.48 20.10
CA ILE B 61 -5.26 8.15 20.70
C ILE B 61 -6.40 8.11 21.69
N VAL B 62 -7.28 7.13 21.51
CA VAL B 62 -8.48 7.02 22.32
C VAL B 62 -8.36 5.86 23.29
N ALA B 63 -8.63 6.13 24.56
CA ALA B 63 -8.79 5.11 25.57
C ALA B 63 -10.29 4.92 25.75
N ASP B 64 -10.84 3.87 25.14
CA ASP B 64 -12.30 3.64 25.19
C ASP B 64 -12.71 2.95 26.49
N THR B 65 -12.72 3.69 27.59
CA THR B 65 -13.01 3.08 28.87
C THR B 65 -14.50 2.98 29.19
N LYS B 66 -15.33 3.73 28.46
CA LYS B 66 -16.76 3.82 28.74
C LYS B 66 -17.02 4.06 30.23
N CYS B 67 -16.33 5.06 30.77
CA CYS B 67 -16.21 5.28 32.19
C CYS B 67 -17.55 5.67 32.80
N ALA B 68 -17.91 5.05 33.92
CA ALA B 68 -19.21 5.28 34.55
C ALA B 68 -19.10 6.02 35.90
N ASP B 69 -17.91 5.96 36.52
CA ASP B 69 -17.67 6.48 37.85
C ASP B 69 -16.16 6.64 38.06
N ALA B 70 -15.77 7.31 39.14
CA ALA B 70 -14.35 7.52 39.50
C ALA B 70 -13.68 8.19 38.32
N GLY B 71 -14.34 9.26 37.86
CA GLY B 71 -13.99 9.92 36.63
C GLY B 71 -12.56 10.40 36.61
N GLY B 72 -12.15 11.10 37.66
CA GLY B 72 -10.79 11.64 37.76
C GLY B 72 -9.72 10.55 37.84
N THR B 73 -10.00 9.45 38.53
CA THR B 73 -9.07 8.33 38.56
C THR B 73 -8.90 7.66 37.19
N VAL B 74 -10.01 7.28 36.53
CA VAL B 74 -9.87 6.61 35.23
C VAL B 74 -9.23 7.53 34.20
N ALA B 75 -9.66 8.78 34.18
CA ALA B 75 -9.15 9.78 33.23
C ALA B 75 -7.64 9.94 33.39
N LYS B 76 -7.23 10.17 34.63
CA LYS B 76 -5.82 10.28 34.99
C LYS B 76 -5.05 9.01 34.61
N ASN B 77 -5.56 7.84 35.02
CA ASN B 77 -4.87 6.60 34.74
C ASN B 77 -4.49 6.43 33.25
N ASN B 78 -5.36 6.89 32.36
CA ASN B 78 -5.15 6.79 30.93
C ASN B 78 -4.44 7.99 30.33
N ALA B 79 -4.58 9.16 30.95
CA ALA B 79 -3.94 10.35 30.39
C ALA B 79 -2.42 10.27 30.54
N VAL B 80 -1.97 9.70 31.67
CA VAL B 80 -0.54 9.49 31.93
C VAL B 80 0.03 8.42 31.04
N ARG B 81 -0.83 7.62 30.42
CA ARG B 81 -0.39 6.60 29.48
C ARG B 81 -0.32 7.22 28.06
N GLY B 82 -0.82 8.44 27.92
CA GLY B 82 -0.70 9.17 26.67
C GLY B 82 -1.96 9.33 25.84
N ALA B 83 -3.12 9.03 26.42
CA ALA B 83 -4.39 9.18 25.73
C ALA B 83 -4.72 10.64 25.49
N ASP B 84 -5.33 10.90 24.34
CA ASP B 84 -5.90 12.20 23.99
C ASP B 84 -7.38 12.27 24.38
N TRP B 85 -8.17 11.29 23.92
CA TRP B 85 -9.60 11.27 24.23
C TRP B 85 -9.95 10.08 25.12
N MET B 86 -10.99 10.26 25.93
CA MET B 86 -11.48 9.15 26.70
C MET B 86 -12.99 9.14 26.62
N THR B 87 -13.56 7.94 26.53
CA THR B 87 -15.01 7.84 26.57
C THR B 87 -15.57 7.67 27.99
N CYS B 88 -16.72 8.31 28.21
CA CYS B 88 -17.55 8.08 29.38
C CYS B 88 -18.88 7.59 28.86
N ILE B 89 -19.43 6.60 29.54
CA ILE B 89 -20.75 6.13 29.18
C ILE B 89 -21.73 7.24 29.57
N CYS B 90 -22.75 7.46 28.75
CA CYS B 90 -23.72 8.55 28.98
C CYS B 90 -24.53 8.46 30.26
N SER B 91 -24.61 7.28 30.88
CA SER B 91 -25.29 7.18 32.15
C SER B 91 -24.42 7.61 33.34
N ALA B 92 -23.19 8.03 33.09
CA ALA B 92 -22.35 8.59 34.15
C ALA B 92 -22.87 9.98 34.58
N THR B 93 -22.72 10.31 35.87
CA THR B 93 -23.19 11.56 36.43
C THR B 93 -22.34 12.72 35.95
N ILE B 94 -22.95 13.91 35.92
CA ILE B 94 -22.26 15.09 35.43
C ILE B 94 -20.98 15.28 36.26
N PRO B 95 -21.08 15.12 37.62
CA PRO B 95 -19.89 15.20 38.49
C PRO B 95 -18.76 14.26 38.04
N THR B 96 -19.11 13.03 37.66
CA THR B 96 -18.15 12.06 37.14
C THR B 96 -17.53 12.51 35.82
N MET B 97 -18.37 13.04 34.93
CA MET B 97 -17.91 13.57 33.66
C MET B 97 -17.06 14.81 33.83
N LYS B 98 -17.38 15.63 34.85
CA LYS B 98 -16.59 16.81 35.17
C LYS B 98 -15.20 16.43 35.73
N ALA B 99 -15.19 15.52 36.69
CA ALA B 99 -13.95 15.03 37.26
C ALA B 99 -13.05 14.50 36.17
N ALA B 100 -13.62 13.71 35.25
CA ALA B 100 -12.86 13.07 34.18
C ALA B 100 -12.25 14.11 33.22
N ARG B 101 -13.05 15.10 32.82
CA ARG B 101 -12.55 16.16 31.97
C ARG B 101 -11.43 16.95 32.63
N LYS B 102 -11.62 17.25 33.91
CA LYS B 102 -10.63 17.99 34.69
C LYS B 102 -9.30 17.26 34.66
N ALA B 103 -9.32 15.97 34.97
CA ALA B 103 -8.11 15.19 35.04
C ALA B 103 -7.42 15.10 33.69
N ILE B 104 -8.20 14.88 32.64
CA ILE B 104 -7.60 14.71 31.32
C ILE B 104 -7.00 16.06 30.80
N GLU B 105 -7.68 17.15 31.15
CA GLU B 105 -7.21 18.49 30.85
C GLU B 105 -5.95 18.89 31.65
N ASP B 106 -5.93 18.60 32.95
CA ASP B 106 -4.73 18.83 33.77
C ASP B 106 -3.48 18.18 33.13
N ILE B 107 -3.63 16.95 32.64
CA ILE B 107 -2.48 16.16 32.20
C ILE B 107 -2.19 16.36 30.74
N ASN B 108 -3.24 16.56 29.94
CA ASN B 108 -3.11 16.77 28.52
C ASN B 108 -3.87 18.01 28.09
N PRO B 109 -3.34 19.19 28.43
CA PRO B 109 -4.00 20.46 28.11
C PRO B 109 -4.27 20.69 26.62
N ASP B 110 -3.38 20.23 25.75
CA ASP B 110 -3.55 20.47 24.32
C ASP B 110 -4.74 19.74 23.76
N LYS B 111 -4.76 18.42 23.96
CA LYS B 111 -5.71 17.58 23.25
C LYS B 111 -6.75 16.91 24.17
N GLY B 112 -6.45 16.82 25.46
CA GLY B 112 -7.29 16.09 26.42
C GLY B 112 -8.77 16.42 26.36
N GLU B 113 -9.60 15.40 26.08
CA GLU B 113 -11.06 15.57 25.94
C GLU B 113 -11.83 14.32 26.33
N ILE B 114 -13.06 14.50 26.77
CA ILE B 114 -13.95 13.38 27.00
C ILE B 114 -14.94 13.30 25.86
N GLN B 115 -15.33 12.08 25.54
CA GLN B 115 -16.44 11.82 24.61
C GLN B 115 -17.52 11.03 25.32
N VAL B 116 -18.78 11.37 25.05
CA VAL B 116 -19.90 10.64 25.62
C VAL B 116 -20.28 9.48 24.71
N GLU B 117 -20.26 8.25 25.21
CA GLU B 117 -20.73 7.10 24.44
C GLU B 117 -22.24 6.98 24.62
N LEU B 118 -22.98 7.02 23.50
CA LEU B 118 -24.46 6.98 23.54
C LEU B 118 -25.01 5.57 23.48
N TYR B 119 -25.57 5.13 24.62
CA TYR B 119 -26.15 3.81 24.80
C TYR B 119 -27.47 3.93 25.57
N GLY B 120 -28.48 3.15 25.17
CA GLY B 120 -29.81 3.23 25.83
C GLY B 120 -30.54 4.57 25.63
N ASP B 121 -31.48 4.89 26.51
CA ASP B 121 -32.32 6.07 26.35
C ASP B 121 -31.67 7.25 27.00
N TRP B 122 -31.09 8.12 26.20
CA TRP B 122 -30.53 9.37 26.69
C TRP B 122 -31.41 10.45 26.07
N THR B 123 -31.39 11.63 26.68
CA THR B 123 -32.27 12.74 26.31
C THR B 123 -31.43 13.91 25.76
N TYR B 124 -32.05 14.83 25.04
CA TYR B 124 -31.32 16.02 24.62
C TYR B 124 -31.05 16.95 25.81
N ASP B 125 -31.84 16.83 26.87
CA ASP B 125 -31.59 17.59 28.09
C ASP B 125 -30.30 17.14 28.71
N GLN B 126 -30.06 15.82 28.67
CA GLN B 126 -28.79 15.27 29.07
C GLN B 126 -27.66 15.77 28.17
N ALA B 127 -27.88 15.67 26.86
CA ALA B 127 -26.95 16.20 25.88
C ALA B 127 -26.52 17.61 26.27
N GLN B 128 -27.50 18.46 26.60
CA GLN B 128 -27.24 19.86 26.91
C GLN B 128 -26.42 20.01 28.20
N GLN B 129 -26.69 19.15 29.18
CA GLN B 129 -25.88 19.09 30.39
C GLN B 129 -24.42 18.74 30.14
N TRP B 130 -24.18 17.85 29.19
CA TRP B 130 -22.81 17.55 28.79
C TRP B 130 -22.12 18.80 28.22
N LEU B 131 -22.76 19.50 27.29
CA LEU B 131 -22.17 20.72 26.74
C LEU B 131 -21.78 21.72 27.83
N ASP B 132 -22.64 21.85 28.84
CA ASP B 132 -22.45 22.84 29.89
C ASP B 132 -21.28 22.51 30.79
N ALA B 133 -20.98 21.22 30.88
CA ALA B 133 -19.85 20.68 31.62
C ALA B 133 -18.52 20.69 30.84
N GLY B 134 -18.53 21.24 29.61
CA GLY B 134 -17.30 21.48 28.84
C GLY B 134 -16.97 20.36 27.88
N ILE B 135 -17.91 19.42 27.75
CA ILE B 135 -17.77 18.18 26.99
C ILE B 135 -18.60 18.29 25.70
N SER B 136 -17.94 18.17 24.54
CA SER B 136 -18.62 18.42 23.27
C SER B 136 -18.38 17.36 22.16
N GLN B 137 -18.12 16.12 22.55
CA GLN B 137 -18.09 15.02 21.62
C GLN B 137 -19.05 13.91 22.09
N ALA B 138 -19.78 13.34 21.13
CA ALA B 138 -20.62 12.18 21.39
C ALA B 138 -20.38 11.12 20.33
N ILE B 139 -20.53 9.86 20.70
CA ILE B 139 -20.37 8.78 19.76
C ILE B 139 -21.73 8.11 19.52
N TYR B 140 -22.20 8.22 18.28
CA TYR B 140 -23.49 7.68 17.91
C TYR B 140 -23.33 6.34 17.22
N HIS B 141 -24.03 5.34 17.75
CA HIS B 141 -24.00 3.98 17.21
C HIS B 141 -25.21 3.70 16.35
N GLN B 142 -25.02 3.11 15.18
CA GLN B 142 -26.16 2.70 14.36
C GLN B 142 -27.12 1.76 15.13
N SER B 143 -28.42 1.96 14.96
CA SER B 143 -29.45 1.15 15.65
C SER B 143 -29.44 -0.33 15.27
N ARG B 144 -29.60 -1.22 16.25
CA ARG B 144 -29.72 -2.66 15.95
C ARG B 144 -31.16 -3.11 15.76
N THR B 152 -29.94 -0.42 6.91
CA THR B 152 -28.85 0.54 6.89
C THR B 152 -29.36 1.95 7.27
N TRP B 153 -28.46 2.93 7.40
CA TRP B 153 -28.70 4.15 8.20
C TRP B 153 -30.01 4.89 7.94
N GLY B 154 -31.01 4.58 8.76
CA GLY B 154 -32.34 5.16 8.64
C GLY B 154 -32.40 6.61 9.06
N GLU B 155 -33.48 7.28 8.66
CA GLU B 155 -33.69 8.69 8.97
C GLU B 155 -33.76 8.96 10.46
N LYS B 156 -34.28 8.00 11.23
CA LYS B 156 -34.35 8.14 12.68
C LYS B 156 -32.94 8.39 13.25
N ASP B 157 -31.98 7.53 12.87
CA ASP B 157 -30.57 7.74 13.20
C ASP B 157 -29.97 9.04 12.64
N LEU B 158 -30.07 9.27 11.33
CA LEU B 158 -29.45 10.45 10.71
C LEU B 158 -29.94 11.76 11.31
N ASN B 159 -31.21 11.78 11.72
CA ASN B 159 -31.76 12.95 12.37
C ASN B 159 -31.18 13.23 13.74
N LYS B 160 -30.87 12.17 14.48
CA LYS B 160 -30.28 12.33 15.80
C LYS B 160 -28.85 12.89 15.70
N VAL B 161 -28.09 12.37 14.73
CA VAL B 161 -26.76 12.87 14.41
C VAL B 161 -26.84 14.35 14.01
N LYS B 162 -27.68 14.66 13.02
CA LYS B 162 -27.89 16.03 12.62
C LYS B 162 -28.21 16.89 13.85
N LYS B 163 -29.13 16.41 14.68
CA LYS B 163 -29.56 17.19 15.84
C LYS B 163 -28.44 17.47 16.86
N LEU B 164 -27.63 16.47 17.21
CA LEU B 164 -26.47 16.69 18.09
C LEU B 164 -25.42 17.66 17.51
N ILE B 165 -25.16 17.56 16.20
CA ILE B 165 -24.28 18.47 15.49
C ILE B 165 -24.80 19.88 15.68
N GLU B 166 -26.08 20.05 15.35
CA GLU B 166 -26.77 21.30 15.51
C GLU B 166 -26.54 21.90 16.91
N MET B 167 -26.65 21.06 17.94
CA MET B 167 -26.38 21.51 19.33
C MET B 167 -24.92 21.95 19.62
N GLY B 168 -23.99 21.59 18.73
CA GLY B 168 -22.58 21.95 18.96
C GLY B 168 -21.66 20.80 19.32
N PHE B 169 -22.13 19.56 19.13
CA PHE B 169 -21.31 18.37 19.36
C PHE B 169 -20.51 18.07 18.09
N ARG B 170 -19.23 17.75 18.28
CA ARG B 170 -18.48 17.01 17.28
C ARG B 170 -18.88 15.54 17.44
N VAL B 171 -19.74 15.05 16.55
CA VAL B 171 -20.26 13.69 16.62
C VAL B 171 -19.38 12.69 15.89
N SER B 172 -19.13 11.54 16.50
CA SER B 172 -18.55 10.44 15.77
C SER B 172 -19.67 9.46 15.52
N VAL B 173 -19.65 8.79 14.37
CA VAL B 173 -20.64 7.75 14.13
C VAL B 173 -19.98 6.40 13.97
N THR B 174 -20.70 5.35 14.34
CA THR B 174 -20.14 3.99 14.30
C THR B 174 -21.23 2.94 14.00
N GLY B 175 -20.81 1.76 13.55
CA GLY B 175 -21.71 0.67 13.17
C GLY B 175 -22.12 0.77 11.72
N GLY B 176 -22.05 -0.37 11.02
CA GLY B 176 -22.49 -0.44 9.62
C GLY B 176 -21.80 0.58 8.74
N LEU B 177 -20.47 0.62 8.84
CA LEU B 177 -19.69 1.57 8.08
C LEU B 177 -18.75 0.84 7.16
N SER B 178 -18.81 1.21 5.89
CA SER B 178 -17.98 0.68 4.83
C SER B 178 -17.79 1.80 3.81
N VAL B 179 -16.84 1.60 2.90
CA VAL B 179 -16.52 2.60 1.89
C VAL B 179 -17.77 2.99 1.03
N ASP B 180 -18.67 2.03 0.80
CA ASP B 180 -19.89 2.22 -0.02
C ASP B 180 -21.04 2.99 0.66
N THR B 181 -21.07 2.95 1.99
CA THR B 181 -22.16 3.54 2.74
C THR B 181 -21.84 4.97 3.18
N LEU B 182 -20.62 5.43 2.91
CA LEU B 182 -20.21 6.75 3.39
C LEU B 182 -21.01 7.89 2.75
N LYS B 183 -21.51 7.68 1.55
CA LYS B 183 -22.23 8.73 0.83
C LYS B 183 -23.59 9.01 1.46
N LEU B 184 -24.08 8.06 2.26
CA LEU B 184 -25.32 8.25 3.00
C LEU B 184 -25.21 9.43 3.97
N PHE B 185 -23.99 9.87 4.25
CA PHE B 185 -23.75 10.96 5.20
C PHE B 185 -23.46 12.30 4.57
N GLU B 186 -23.37 12.33 3.24
CA GLU B 186 -23.17 13.57 2.48
C GLU B 186 -24.04 14.73 3.01
N GLY B 187 -23.44 15.92 3.08
CA GLY B 187 -24.13 17.08 3.61
C GLY B 187 -24.32 17.06 5.11
N VAL B 188 -23.96 15.93 5.75
CA VAL B 188 -23.85 15.83 7.21
C VAL B 188 -22.40 16.10 7.67
N ASP B 189 -22.23 17.03 8.60
CA ASP B 189 -20.90 17.42 9.11
C ASP B 189 -20.33 16.44 10.18
N VAL B 190 -20.13 15.18 9.77
CA VAL B 190 -19.57 14.16 10.66
C VAL B 190 -18.13 14.47 11.12
N PHE B 191 -17.90 14.50 12.45
CA PHE B 191 -16.57 14.77 12.95
C PHE B 191 -15.58 13.61 12.69
N THR B 192 -16.03 12.37 12.96
CA THR B 192 -15.22 11.19 12.81
C THR B 192 -16.09 9.98 12.49
N PHE B 193 -15.57 9.15 11.58
CA PHE B 193 -16.12 7.85 11.25
C PHE B 193 -15.28 6.77 11.90
N ILE B 194 -15.92 5.91 12.68
CA ILE B 194 -15.19 4.87 13.38
C ILE B 194 -15.44 3.51 12.74
N ALA B 195 -14.40 2.95 12.14
CA ALA B 195 -14.48 1.57 11.64
C ALA B 195 -13.63 0.61 12.48
N GLY B 196 -14.04 -0.65 12.52
CA GLY B 196 -13.33 -1.72 13.24
C GLY B 196 -12.79 -2.82 12.34
N ARG B 197 -13.43 -3.98 12.39
CA ARG B 197 -12.94 -5.14 11.66
C ARG B 197 -13.09 -5.03 10.11
N GLY B 198 -14.03 -4.21 9.64
CA GLY B 198 -14.15 -3.92 8.23
C GLY B 198 -12.77 -3.56 7.70
N ILE B 199 -12.10 -2.68 8.41
CA ILE B 199 -10.76 -2.24 8.03
C ILE B 199 -9.67 -3.26 8.39
N THR B 200 -9.65 -3.69 9.66
CA THR B 200 -8.53 -4.43 10.18
C THR B 200 -8.45 -5.85 9.64
N GLU B 201 -9.62 -6.43 9.39
CA GLU B 201 -9.73 -7.79 8.85
C GLU B 201 -9.76 -7.86 7.33
N ALA B 202 -9.93 -6.71 6.67
CA ALA B 202 -9.78 -6.63 5.22
C ALA B 202 -8.51 -7.35 4.73
N LYS B 203 -8.50 -7.77 3.46
CA LYS B 203 -7.36 -8.55 2.98
C LYS B 203 -6.08 -7.71 2.77
N ASN B 204 -6.24 -6.42 2.56
CA ASN B 204 -5.13 -5.46 2.73
C ASN B 204 -5.64 -4.32 3.61
N PRO B 205 -5.49 -4.47 4.93
CA PRO B 205 -5.98 -3.51 5.91
C PRO B 205 -5.51 -2.07 5.64
N ALA B 206 -4.24 -1.90 5.27
CA ALA B 206 -3.69 -0.59 4.89
C ALA B 206 -4.36 0.01 3.64
N GLY B 207 -4.63 -0.85 2.66
CA GLY B 207 -5.37 -0.47 1.45
C GLY B 207 -6.85 -0.20 1.71
N ALA B 208 -7.51 -1.09 2.44
CA ALA B 208 -8.89 -0.88 2.86
C ALA B 208 -9.07 0.47 3.53
N ALA B 209 -8.09 0.84 4.36
CA ALA B 209 -8.14 2.09 5.13
C ALA B 209 -7.83 3.32 4.29
N ARG B 210 -6.95 3.17 3.29
CA ARG B 210 -6.70 4.25 2.35
C ARG B 210 -7.95 4.49 1.53
N ALA B 211 -8.56 3.40 1.06
CA ALA B 211 -9.78 3.43 0.26
C ALA B 211 -10.86 4.22 0.98
N PHE B 212 -10.94 3.95 2.28
CA PHE B 212 -11.93 4.54 3.16
C PHE B 212 -11.71 6.04 3.31
N LYS B 213 -10.46 6.42 3.56
CA LYS B 213 -10.08 7.82 3.75
C LYS B 213 -10.21 8.60 2.43
N ASP B 214 -10.03 7.89 1.32
CA ASP B 214 -10.25 8.45 -0.01
C ASP B 214 -11.73 8.79 -0.28
N GLU B 215 -12.62 7.83 -0.13
CA GLU B 215 -14.05 8.08 -0.34
C GLU B 215 -14.52 9.27 0.49
N ILE B 216 -13.92 9.47 1.67
CA ILE B 216 -14.29 10.64 2.46
C ILE B 216 -13.68 11.91 1.91
N LYS B 217 -12.46 11.83 1.37
CA LYS B 217 -11.90 12.94 0.58
C LYS B 217 -12.84 13.36 -0.56
N ARG B 218 -13.30 12.39 -1.35
CA ARG B 218 -14.25 12.67 -2.43
C ARG B 218 -15.46 13.47 -1.91
N ILE B 219 -16.11 12.94 -0.89
CA ILE B 219 -17.40 13.43 -0.46
C ILE B 219 -17.35 14.75 0.31
N TRP B 220 -16.35 14.94 1.17
CA TRP B 220 -16.23 16.20 1.93
C TRP B 220 -15.12 17.14 1.44
N GLY B 221 -14.30 16.69 0.50
CA GLY B 221 -13.07 17.43 0.10
C GLY B 221 -13.23 18.79 -0.58
N LEU C 5 41.76 9.31 -48.24
CA LEU C 5 40.51 9.94 -48.79
C LEU C 5 39.24 9.48 -48.03
N PRO C 6 38.27 10.40 -47.81
CA PRO C 6 37.00 9.98 -47.17
C PRO C 6 36.31 8.88 -47.95
N ASN C 7 35.93 7.80 -47.26
CA ASN C 7 35.15 6.72 -47.87
C ASN C 7 33.80 7.23 -48.38
N LEU C 8 33.34 6.67 -49.50
CA LEU C 8 31.90 6.75 -49.88
C LEU C 8 31.12 5.49 -49.42
N GLN C 9 30.07 5.71 -48.62
CA GLN C 9 29.22 4.66 -48.10
C GLN C 9 27.76 4.81 -48.55
N VAL C 10 27.15 3.68 -48.95
CA VAL C 10 25.72 3.67 -49.28
C VAL C 10 24.95 2.94 -48.19
N ALA C 11 23.90 3.57 -47.71
CA ALA C 11 23.07 2.93 -46.68
C ALA C 11 21.84 2.34 -47.35
N LEU C 12 21.60 1.05 -47.19
CA LEU C 12 20.37 0.44 -47.73
C LEU C 12 19.30 0.33 -46.66
N ASP C 13 18.39 1.29 -46.69
CA ASP C 13 17.29 1.36 -45.73
C ASP C 13 15.96 0.92 -46.34
N HIS C 14 16.02 0.01 -47.29
CA HIS C 14 14.81 -0.45 -47.95
C HIS C 14 13.94 -1.31 -47.00
N SER C 15 12.63 -1.29 -47.18
CA SER C 15 11.73 -2.10 -46.36
C SER C 15 11.57 -3.52 -46.91
N ASN C 16 12.32 -3.83 -47.97
CA ASN C 16 12.32 -5.20 -48.47
C ASN C 16 13.67 -5.63 -49.02
N LEU C 17 13.82 -6.93 -49.23
CA LEU C 17 15.03 -7.51 -49.74
C LEU C 17 15.42 -7.06 -51.14
N LYS C 18 14.47 -7.05 -52.09
CA LYS C 18 14.81 -6.74 -53.48
C LYS C 18 15.37 -5.32 -53.61
N GLY C 19 14.80 -4.38 -52.85
CA GLY C 19 15.23 -3.00 -52.87
C GLY C 19 16.67 -2.90 -52.45
N ALA C 20 17.00 -3.53 -51.32
CA ALA C 20 18.37 -3.46 -50.83
C ALA C 20 19.36 -4.09 -51.82
N ILE C 21 19.03 -5.25 -52.36
CA ILE C 21 19.94 -5.94 -53.28
C ILE C 21 20.13 -5.22 -54.63
N THR C 22 19.05 -4.62 -55.14
CA THR C 22 19.07 -3.91 -56.40
C THR C 22 19.91 -2.63 -56.34
N ALA C 23 19.74 -1.85 -55.26
CA ALA C 23 20.53 -0.63 -55.08
C ALA C 23 21.99 -1.01 -54.84
N ALA C 24 22.24 -1.99 -53.97
CA ALA C 24 23.60 -2.39 -53.71
C ALA C 24 24.31 -2.78 -54.99
N VAL C 25 23.62 -3.51 -55.88
CA VAL C 25 24.24 -3.99 -57.11
C VAL C 25 24.47 -2.84 -58.09
N SER C 26 23.59 -1.87 -58.08
CA SER C 26 23.72 -0.81 -59.04
C SER C 26 24.78 0.25 -58.61
N VAL C 27 25.15 0.27 -57.32
CA VAL C 27 26.14 1.25 -56.87
C VAL C 27 27.41 0.63 -56.31
N GLY C 28 27.38 -0.69 -56.12
CA GLY C 28 28.46 -1.39 -55.47
C GLY C 28 29.86 -0.96 -55.85
N ASN C 29 30.14 -0.94 -57.14
CA ASN C 29 31.48 -0.59 -57.63
C ASN C 29 31.85 0.89 -57.56
N GLU C 30 30.85 1.76 -57.39
CA GLU C 30 31.08 3.19 -57.19
C GLU C 30 31.34 3.60 -55.75
N VAL C 31 31.19 2.67 -54.80
CA VAL C 31 31.28 3.05 -53.38
C VAL C 31 32.33 2.22 -52.71
N ASP C 32 32.75 2.67 -51.55
CA ASP C 32 33.76 1.99 -50.72
C ASP C 32 33.19 1.05 -49.69
N VAL C 33 32.01 1.42 -49.16
CA VAL C 33 31.39 0.73 -48.04
C VAL C 33 29.92 0.49 -48.35
N ILE C 34 29.44 -0.72 -48.05
CA ILE C 34 28.04 -1.03 -48.25
C ILE C 34 27.40 -1.31 -46.91
N GLU C 35 26.32 -0.58 -46.63
CA GLU C 35 25.62 -0.71 -45.34
C GLU C 35 24.18 -1.27 -45.39
N ALA C 36 23.98 -2.43 -44.76
CA ALA C 36 22.63 -2.98 -44.54
C ALA C 36 22.04 -2.16 -43.44
N GLY C 37 21.08 -1.30 -43.80
CA GLY C 37 20.48 -0.34 -42.88
C GLY C 37 19.54 -1.01 -41.91
N THR C 38 19.25 -0.31 -40.80
CA THR C 38 18.50 -0.89 -39.71
C THR C 38 17.07 -1.22 -40.11
N VAL C 39 16.38 -0.25 -40.71
CA VAL C 39 15.05 -0.47 -41.27
C VAL C 39 15.01 -1.73 -42.10
N CYS C 40 16.07 -1.96 -42.87
CA CYS C 40 16.14 -3.14 -43.69
C CYS C 40 16.33 -4.45 -42.92
N LEU C 41 17.30 -4.47 -42.00
CA LEU C 41 17.56 -5.66 -41.16
C LEU C 41 16.35 -6.08 -40.32
N LEU C 42 15.62 -5.10 -39.78
CA LEU C 42 14.42 -5.39 -39.03
C LEU C 42 13.32 -5.99 -39.91
N GLN C 43 13.39 -5.76 -41.24
CA GLN C 43 12.44 -6.36 -42.14
C GLN C 43 12.85 -7.74 -42.62
N VAL C 44 14.09 -7.85 -43.10
CA VAL C 44 14.52 -9.07 -43.77
C VAL C 44 15.46 -9.94 -42.96
N GLY C 45 15.98 -9.46 -41.84
CA GLY C 45 16.87 -10.27 -41.03
C GLY C 45 18.30 -10.28 -41.55
N SER C 46 19.14 -11.16 -41.00
CA SER C 46 20.55 -11.05 -41.22
C SER C 46 21.07 -11.71 -42.51
N GLU C 47 20.22 -12.43 -43.22
CA GLU C 47 20.75 -13.12 -44.40
C GLU C 47 21.27 -12.11 -45.43
N LEU C 48 20.67 -10.92 -45.39
CA LEU C 48 20.97 -9.82 -46.28
C LEU C 48 22.47 -9.53 -46.25
N VAL C 49 23.06 -9.63 -45.06
CA VAL C 49 24.48 -9.39 -44.89
C VAL C 49 25.31 -10.42 -45.65
N GLU C 50 24.89 -11.68 -45.56
CA GLU C 50 25.64 -12.72 -46.21
C GLU C 50 25.54 -12.55 -47.74
N VAL C 51 24.39 -12.08 -48.22
CA VAL C 51 24.22 -11.82 -49.64
C VAL C 51 25.17 -10.71 -50.13
N LEU C 52 25.19 -9.56 -49.46
CA LEU C 52 26.13 -8.48 -49.76
C LEU C 52 27.60 -8.94 -49.72
N ARG C 53 27.94 -9.83 -48.80
CA ARG C 53 29.31 -10.34 -48.69
C ARG C 53 29.71 -11.17 -49.90
N SER C 54 28.77 -11.98 -50.37
CA SER C 54 28.93 -12.81 -51.57
C SER C 54 29.03 -11.96 -52.87
N LEU C 55 28.32 -10.84 -52.92
CA LEU C 55 28.29 -10.04 -54.12
C LEU C 55 29.52 -9.16 -54.17
N PHE C 56 30.06 -8.87 -52.99
CA PHE C 56 31.15 -7.90 -52.83
C PHE C 56 32.19 -8.44 -51.83
N PRO C 57 32.97 -9.43 -52.29
CA PRO C 57 33.84 -10.18 -51.34
C PRO C 57 34.95 -9.28 -50.76
N ASP C 58 35.18 -8.13 -51.41
CA ASP C 58 36.20 -7.18 -51.04
C ASP C 58 35.67 -5.91 -50.34
N LYS C 59 34.45 -5.48 -50.68
CA LYS C 59 33.92 -4.29 -50.03
C LYS C 59 33.88 -4.43 -48.50
N ILE C 60 33.94 -3.29 -47.81
CA ILE C 60 33.64 -3.20 -46.40
C ILE C 60 32.11 -3.24 -46.26
N ILE C 61 31.62 -4.11 -45.37
CA ILE C 61 30.21 -4.32 -45.17
C ILE C 61 29.76 -3.96 -43.73
N VAL C 62 28.79 -3.08 -43.65
CA VAL C 62 28.24 -2.62 -42.40
C VAL C 62 26.88 -3.27 -42.08
N ALA C 63 26.80 -3.84 -40.88
CA ALA C 63 25.52 -4.32 -40.36
C ALA C 63 25.03 -3.25 -39.38
N ASP C 64 24.09 -2.42 -39.82
CA ASP C 64 23.64 -1.26 -39.03
C ASP C 64 22.57 -1.69 -38.01
N THR C 65 23.00 -2.39 -36.96
CA THR C 65 22.05 -2.94 -36.00
C THR C 65 21.65 -1.96 -34.90
N LYS C 66 22.45 -0.91 -34.71
CA LYS C 66 22.18 0.07 -33.64
C LYS C 66 21.96 -0.69 -32.35
N CYS C 67 22.83 -1.66 -32.13
CA CYS C 67 22.76 -2.53 -30.97
C CYS C 67 22.69 -1.76 -29.67
N ALA C 68 21.69 -2.06 -28.83
CA ALA C 68 21.59 -1.46 -27.51
C ALA C 68 21.92 -2.45 -26.40
N ASP C 69 22.02 -3.73 -26.76
CA ASP C 69 22.12 -4.79 -25.76
C ASP C 69 22.44 -6.13 -26.40
N ALA C 70 22.81 -7.09 -25.56
CA ALA C 70 23.21 -8.43 -25.98
C ALA C 70 24.23 -8.34 -27.10
N GLY C 71 25.19 -7.44 -26.88
CA GLY C 71 26.16 -7.04 -27.88
C GLY C 71 26.95 -8.19 -28.44
N GLY C 72 27.41 -9.09 -27.58
CA GLY C 72 28.13 -10.31 -28.01
C GLY C 72 27.30 -11.19 -28.92
N THR C 73 26.00 -11.27 -28.64
CA THR C 73 25.13 -12.11 -29.43
C THR C 73 24.81 -11.47 -30.79
N VAL C 74 24.45 -10.18 -30.77
CA VAL C 74 24.11 -9.45 -31.99
C VAL C 74 25.33 -9.30 -32.91
N ALA C 75 26.44 -8.84 -32.32
CA ALA C 75 27.73 -8.77 -32.99
C ALA C 75 28.10 -10.10 -33.62
N LYS C 76 27.96 -11.19 -32.86
CA LYS C 76 28.24 -12.53 -33.38
C LYS C 76 27.32 -12.91 -34.54
N ASN C 77 26.02 -12.65 -34.39
CA ASN C 77 25.05 -13.06 -35.41
C ASN C 77 25.35 -12.40 -36.75
N ASN C 78 25.90 -11.20 -36.71
CA ASN C 78 26.20 -10.50 -37.94
C ASN C 78 27.60 -10.78 -38.48
N ALA C 79 28.55 -11.00 -37.58
CA ALA C 79 29.89 -11.33 -37.99
C ALA C 79 29.92 -12.63 -38.78
N VAL C 80 29.18 -13.67 -38.35
CA VAL C 80 29.16 -14.95 -39.06
C VAL C 80 28.57 -14.79 -40.45
N ARG C 81 27.77 -13.73 -40.63
CA ARG C 81 27.19 -13.40 -41.91
C ARG C 81 28.17 -12.65 -42.81
N GLY C 82 29.33 -12.28 -42.29
CA GLY C 82 30.30 -11.57 -43.11
C GLY C 82 30.46 -10.10 -42.89
N ALA C 83 29.76 -9.53 -41.89
CA ALA C 83 29.90 -8.10 -41.56
C ALA C 83 31.31 -7.73 -41.12
N ASP C 84 31.75 -6.54 -41.53
CA ASP C 84 33.01 -5.96 -41.07
C ASP C 84 32.80 -5.00 -39.88
N TRP C 85 31.87 -4.04 -40.05
CA TRP C 85 31.51 -3.10 -39.01
C TRP C 85 30.07 -3.29 -38.57
N MET C 86 29.83 -3.22 -37.26
CA MET C 86 28.48 -3.19 -36.72
C MET C 86 28.25 -1.92 -35.91
N THR C 87 27.08 -1.29 -36.06
CA THR C 87 26.75 -0.15 -35.17
C THR C 87 26.12 -0.56 -33.82
N CYS C 88 26.55 0.16 -32.76
CA CYS C 88 25.93 0.17 -31.44
C CYS C 88 25.38 1.56 -31.21
N ILE C 89 24.18 1.65 -30.65
CA ILE C 89 23.59 2.94 -30.32
C ILE C 89 24.36 3.48 -29.12
N CYS C 90 24.54 4.79 -29.07
CA CYS C 90 25.35 5.38 -28.03
C CYS C 90 24.80 5.13 -26.60
N SER C 91 23.52 4.78 -26.51
CA SER C 91 22.98 4.49 -25.19
C SER C 91 23.27 3.05 -24.73
N ALA C 92 23.93 2.25 -25.56
CA ALA C 92 24.43 0.97 -25.10
C ALA C 92 25.49 1.17 -24.01
N THR C 93 25.39 0.37 -22.95
CA THR C 93 26.40 0.43 -21.87
C THR C 93 27.77 0.05 -22.43
N ILE C 94 28.81 0.50 -21.74
CA ILE C 94 30.17 0.06 -22.04
C ILE C 94 30.32 -1.47 -22.07
N PRO C 95 29.84 -2.21 -21.04
CA PRO C 95 29.91 -3.69 -21.13
C PRO C 95 29.30 -4.25 -22.41
N THR C 96 28.13 -3.74 -22.84
CA THR C 96 27.56 -4.15 -24.15
C THR C 96 28.51 -3.85 -25.31
N MET C 97 29.11 -2.67 -25.33
CA MET C 97 29.99 -2.30 -26.43
C MET C 97 31.22 -3.21 -26.46
N LYS C 98 31.69 -3.61 -25.28
CA LYS C 98 32.92 -4.39 -25.23
C LYS C 98 32.62 -5.80 -25.62
N ALA C 99 31.44 -6.29 -25.22
CA ALA C 99 31.01 -7.66 -25.55
C ALA C 99 30.86 -7.75 -27.05
N ALA C 100 30.21 -6.76 -27.63
CA ALA C 100 30.08 -6.62 -29.08
C ALA C 100 31.43 -6.53 -29.82
N ARG C 101 32.35 -5.69 -29.33
CA ARG C 101 33.68 -5.59 -29.96
C ARG C 101 34.46 -6.89 -29.89
N LYS C 102 34.49 -7.50 -28.72
CA LYS C 102 35.14 -8.79 -28.55
C LYS C 102 34.66 -9.80 -29.64
N ALA C 103 33.34 -9.97 -29.75
CA ALA C 103 32.78 -10.97 -30.67
C ALA C 103 33.10 -10.68 -32.14
N ILE C 104 32.98 -9.43 -32.58
CA ILE C 104 33.28 -9.10 -33.98
C ILE C 104 34.77 -9.27 -34.27
N GLU C 105 35.61 -9.08 -33.26
CA GLU C 105 37.05 -9.30 -33.39
C GLU C 105 37.43 -10.78 -33.43
N ASP C 106 36.73 -11.60 -32.65
CA ASP C 106 36.93 -13.03 -32.73
C ASP C 106 36.63 -13.63 -34.10
N ILE C 107 35.48 -13.28 -34.68
CA ILE C 107 35.03 -13.85 -35.95
C ILE C 107 35.74 -13.17 -37.11
N ASN C 108 35.96 -11.87 -36.97
CA ASN C 108 36.54 -11.09 -38.05
C ASN C 108 37.80 -10.32 -37.54
N PRO C 109 38.95 -11.02 -37.42
CA PRO C 109 40.11 -10.34 -36.82
C PRO C 109 40.77 -9.41 -37.84
N ASP C 110 40.43 -9.65 -39.09
CA ASP C 110 40.86 -8.84 -40.20
C ASP C 110 40.32 -7.39 -40.14
N LYS C 111 39.02 -7.23 -39.88
CA LYS C 111 38.35 -5.95 -40.13
C LYS C 111 37.28 -5.58 -39.10
N GLY C 112 36.98 -6.52 -38.20
CA GLY C 112 35.92 -6.36 -37.21
C GLY C 112 35.98 -5.10 -36.36
N GLU C 113 34.94 -4.26 -36.44
CA GLU C 113 34.88 -3.06 -35.58
C GLU C 113 33.46 -2.69 -35.20
N ILE C 114 33.37 -1.86 -34.17
CA ILE C 114 32.11 -1.32 -33.72
C ILE C 114 32.17 0.13 -34.08
N GLN C 115 31.03 0.70 -34.44
CA GLN C 115 30.91 2.14 -34.71
C GLN C 115 29.84 2.63 -33.76
N VAL C 116 29.99 3.83 -33.18
CA VAL C 116 28.97 4.35 -32.28
C VAL C 116 28.00 5.24 -33.05
N GLU C 117 26.71 4.89 -32.98
CA GLU C 117 25.66 5.72 -33.57
C GLU C 117 25.25 6.85 -32.60
N LEU C 118 25.41 8.09 -33.03
CA LEU C 118 25.16 9.25 -32.14
C LEU C 118 23.75 9.79 -32.28
N TYR C 119 22.92 9.51 -31.29
CA TYR C 119 21.53 9.94 -31.24
C TYR C 119 21.24 10.59 -29.88
N GLY C 120 20.46 11.67 -29.90
CA GLY C 120 20.18 12.44 -28.69
C GLY C 120 21.43 12.91 -27.95
N ASP C 121 21.27 13.18 -26.66
CA ASP C 121 22.30 13.82 -25.85
C ASP C 121 23.41 12.88 -25.36
N TRP C 122 24.49 12.81 -26.10
CA TRP C 122 25.69 12.11 -25.66
C TRP C 122 26.69 13.15 -25.18
N THR C 123 27.75 12.69 -24.53
CA THR C 123 28.73 13.59 -23.93
C THR C 123 30.14 13.17 -24.31
N TYR C 124 31.07 14.13 -24.22
CA TYR C 124 32.46 13.84 -24.50
C TYR C 124 33.08 12.83 -23.53
N ASP C 125 32.57 12.79 -22.31
CA ASP C 125 33.03 11.79 -21.34
C ASP C 125 32.63 10.39 -21.78
N GLN C 126 31.40 10.25 -22.31
CA GLN C 126 30.95 9.00 -22.91
C GLN C 126 31.87 8.68 -24.09
N ALA C 127 32.05 9.66 -24.98
CA ALA C 127 32.97 9.53 -26.11
C ALA C 127 34.35 9.02 -25.68
N GLN C 128 34.92 9.57 -24.60
CA GLN C 128 36.18 9.02 -24.06
C GLN C 128 36.08 7.55 -23.61
N GLN C 129 34.93 7.17 -23.04
CA GLN C 129 34.72 5.79 -22.62
C GLN C 129 34.74 4.81 -23.81
N TRP C 130 34.10 5.20 -24.89
CA TRP C 130 34.10 4.38 -26.07
C TRP C 130 35.55 4.11 -26.49
N LEU C 131 36.34 5.19 -26.60
CA LEU C 131 37.77 5.09 -26.96
C LEU C 131 38.50 4.17 -26.01
N ASP C 132 38.31 4.37 -24.70
CA ASP C 132 38.99 3.53 -23.69
C ASP C 132 38.55 2.07 -23.78
N ALA C 133 37.43 1.82 -24.47
CA ALA C 133 36.91 0.46 -24.64
C ALA C 133 37.34 -0.16 -25.99
N GLY C 134 38.22 0.51 -26.72
CA GLY C 134 38.75 -0.04 -27.98
C GLY C 134 37.98 0.40 -29.21
N ILE C 135 36.98 1.27 -29.02
CA ILE C 135 36.05 1.66 -30.08
C ILE C 135 36.29 3.10 -30.51
N SER C 136 36.70 3.28 -31.76
CA SER C 136 37.06 4.60 -32.23
C SER C 136 36.40 5.04 -33.53
N GLN C 137 35.25 4.46 -33.85
CA GLN C 137 34.39 5.00 -34.92
C GLN C 137 33.10 5.57 -34.32
N ALA C 138 32.62 6.66 -34.88
CA ALA C 138 31.38 7.26 -34.43
C ALA C 138 30.70 7.82 -35.64
N ILE C 139 29.37 7.80 -35.63
CA ILE C 139 28.59 8.25 -36.77
C ILE C 139 27.72 9.42 -36.35
N TYR C 140 27.99 10.56 -36.99
CA TYR C 140 27.36 11.80 -36.62
C TYR C 140 26.26 12.12 -37.60
N HIS C 141 25.03 12.22 -37.08
CA HIS C 141 23.86 12.50 -37.92
C HIS C 141 23.58 13.99 -37.95
N GLN C 142 23.49 14.54 -39.17
CA GLN C 142 23.19 15.96 -39.40
C GLN C 142 21.88 16.32 -38.67
N SER C 143 21.93 17.43 -37.95
CA SER C 143 20.84 17.95 -37.13
C SER C 143 19.56 18.30 -37.91
N ARG C 144 18.42 17.76 -37.49
CA ARG C 144 17.09 18.05 -38.10
C ARG C 144 16.38 19.31 -37.53
N GLY C 154 24.99 23.37 -40.15
CA GLY C 154 25.40 24.55 -39.37
C GLY C 154 26.68 24.33 -38.59
N GLU C 155 27.16 25.40 -37.95
CA GLU C 155 28.43 25.36 -37.24
C GLU C 155 28.40 24.56 -35.94
N LYS C 156 27.24 24.44 -35.32
CA LYS C 156 27.09 23.58 -34.15
C LYS C 156 27.48 22.11 -34.49
N ASP C 157 27.05 21.61 -35.65
CA ASP C 157 27.42 20.24 -36.12
C ASP C 157 28.90 20.06 -36.48
N LEU C 158 29.43 20.93 -37.34
CA LEU C 158 30.85 20.90 -37.71
C LEU C 158 31.80 20.88 -36.53
N ASN C 159 31.48 21.63 -35.48
CA ASN C 159 32.35 21.69 -34.32
C ASN C 159 32.36 20.37 -33.56
N LYS C 160 31.19 19.77 -33.40
CA LYS C 160 31.09 18.44 -32.83
C LYS C 160 31.91 17.41 -33.63
N VAL C 161 31.76 17.44 -34.96
CA VAL C 161 32.55 16.58 -35.84
C VAL C 161 34.07 16.82 -35.66
N LYS C 162 34.49 18.08 -35.74
CA LYS C 162 35.92 18.42 -35.53
C LYS C 162 36.46 17.99 -34.16
N LYS C 163 35.66 18.14 -33.11
CA LYS C 163 36.12 17.76 -31.78
C LYS C 163 36.25 16.25 -31.63
N LEU C 164 35.31 15.50 -32.20
CA LEU C 164 35.37 14.03 -32.19
C LEU C 164 36.57 13.51 -32.97
N ILE C 165 36.89 14.18 -34.08
CA ILE C 165 38.09 13.85 -34.82
C ILE C 165 39.31 14.14 -33.94
N GLU C 166 39.38 15.35 -33.40
CA GLU C 166 40.46 15.76 -32.51
C GLU C 166 40.71 14.78 -31.34
N MET C 167 39.65 14.13 -30.86
CA MET C 167 39.76 13.20 -29.74
C MET C 167 40.33 11.85 -30.16
N GLY C 168 40.36 11.58 -31.47
CA GLY C 168 40.83 10.29 -31.97
C GLY C 168 39.83 9.38 -32.70
N PHE C 169 38.62 9.89 -33.00
CA PHE C 169 37.62 9.10 -33.74
C PHE C 169 37.80 9.18 -35.24
N ARG C 170 37.62 8.06 -35.94
CA ARG C 170 37.32 8.14 -37.36
C ARG C 170 35.81 8.43 -37.42
N VAL C 171 35.45 9.63 -37.89
CA VAL C 171 34.07 10.11 -37.88
C VAL C 171 33.36 9.96 -39.23
N SER C 172 32.21 9.28 -39.25
CA SER C 172 31.36 9.20 -40.43
C SER C 172 30.28 10.20 -40.27
N VAL C 173 29.87 10.89 -41.34
CA VAL C 173 28.77 11.84 -41.23
C VAL C 173 27.64 11.49 -42.19
N THR C 174 26.41 11.75 -41.78
CA THR C 174 25.26 11.37 -42.58
C THR C 174 24.05 12.27 -42.31
N GLY C 175 23.07 12.19 -43.21
CA GLY C 175 21.79 12.85 -43.03
C GLY C 175 21.69 13.91 -44.10
N GLY C 176 20.81 13.68 -45.09
CA GLY C 176 20.76 14.47 -46.33
C GLY C 176 22.13 14.98 -46.81
N LEU C 177 22.75 14.26 -47.74
CA LEU C 177 23.96 14.77 -48.36
C LEU C 177 23.70 14.88 -49.86
N SER C 178 24.47 15.72 -50.54
CA SER C 178 24.36 15.92 -51.99
C SER C 178 25.73 16.17 -52.50
N VAL C 179 25.93 15.92 -53.79
CA VAL C 179 27.25 16.07 -54.38
C VAL C 179 27.75 17.50 -54.20
N ASP C 180 26.82 18.44 -53.99
CA ASP C 180 27.19 19.86 -53.93
C ASP C 180 27.39 20.38 -52.50
N THR C 181 27.06 19.58 -51.52
CA THR C 181 27.16 19.99 -50.12
C THR C 181 28.33 19.32 -49.39
N LEU C 182 29.27 18.79 -50.17
CA LEU C 182 30.47 18.15 -49.63
C LEU C 182 31.56 19.18 -49.35
N LYS C 183 31.61 20.22 -50.20
CA LYS C 183 32.58 21.29 -50.01
C LYS C 183 32.44 22.00 -48.66
N LEU C 184 31.26 21.90 -48.04
CA LEU C 184 31.02 22.41 -46.69
C LEU C 184 31.92 21.73 -45.64
N PHE C 185 32.54 20.61 -46.01
CA PHE C 185 33.38 19.84 -45.09
C PHE C 185 34.85 19.95 -45.41
N GLU C 186 35.18 20.77 -46.40
CA GLU C 186 36.56 21.06 -46.80
C GLU C 186 37.47 21.25 -45.56
N GLY C 187 38.67 20.68 -45.62
CA GLY C 187 39.61 20.79 -44.51
C GLY C 187 39.22 20.03 -43.25
N VAL C 188 38.17 19.23 -43.33
CA VAL C 188 37.83 18.31 -42.24
C VAL C 188 38.17 16.87 -42.65
N ASP C 189 38.87 16.20 -41.73
CA ASP C 189 39.36 14.81 -41.87
C ASP C 189 38.22 13.78 -41.68
N VAL C 190 37.16 13.93 -42.46
CA VAL C 190 36.02 13.05 -42.40
C VAL C 190 36.44 11.70 -42.93
N PHE C 191 36.12 10.66 -42.17
CA PHE C 191 36.51 9.32 -42.53
C PHE C 191 35.61 8.73 -43.64
N THR C 192 34.29 8.96 -43.55
CA THR C 192 33.31 8.34 -44.42
C THR C 192 32.10 9.24 -44.63
N PHE C 193 31.67 9.39 -45.87
CA PHE C 193 30.37 10.00 -46.11
C PHE C 193 29.32 8.90 -46.38
N ILE C 194 28.24 8.94 -45.61
CA ILE C 194 27.15 8.00 -45.78
C ILE C 194 26.05 8.68 -46.58
N ALA C 195 25.85 8.21 -47.81
CA ALA C 195 24.70 8.62 -48.61
C ALA C 195 23.67 7.53 -48.60
N GLY C 196 22.43 7.89 -48.32
CA GLY C 196 21.32 6.96 -48.47
C GLY C 196 20.49 7.32 -49.69
N ARG C 197 19.37 7.96 -49.40
CA ARG C 197 18.32 8.31 -50.39
C ARG C 197 18.84 9.09 -51.62
N GLY C 198 19.85 9.94 -51.43
CA GLY C 198 20.44 10.71 -52.53
C GLY C 198 21.01 9.82 -53.62
N ILE C 199 21.24 8.55 -53.28
CA ILE C 199 21.65 7.52 -54.23
C ILE C 199 20.50 6.50 -54.49
N THR C 200 19.86 6.06 -53.40
CA THR C 200 18.84 5.02 -53.46
C THR C 200 17.48 5.53 -53.96
N GLU C 201 17.39 6.82 -54.28
CA GLU C 201 16.52 7.27 -55.38
C GLU C 201 17.37 8.07 -56.36
N ALA C 202 17.30 7.73 -57.64
CA ALA C 202 18.00 8.56 -58.62
C ALA C 202 17.23 8.73 -59.94
N LYS C 203 17.88 8.64 -61.11
CA LYS C 203 18.58 7.43 -61.50
C LYS C 203 19.88 7.75 -62.23
N ASN C 204 20.40 6.74 -62.93
CA ASN C 204 21.82 6.40 -62.87
C ASN C 204 22.38 6.54 -61.46
N PRO C 205 21.70 5.93 -60.46
CA PRO C 205 22.31 5.81 -59.13
C PRO C 205 23.80 5.51 -59.22
N ALA C 206 24.21 4.63 -60.12
CA ALA C 206 25.63 4.40 -60.32
C ALA C 206 26.37 5.72 -60.57
N GLY C 207 25.79 6.57 -61.43
CA GLY C 207 26.40 7.85 -61.81
C GLY C 207 26.30 8.88 -60.69
N ALA C 208 25.13 8.93 -60.04
CA ALA C 208 24.96 9.69 -58.79
C ALA C 208 26.07 9.37 -57.80
N ALA C 209 26.39 8.08 -57.66
CA ALA C 209 27.45 7.62 -56.75
C ALA C 209 28.85 7.97 -57.25
N ARG C 210 29.07 7.97 -58.57
CA ARG C 210 30.36 8.40 -59.09
C ARG C 210 30.52 9.90 -58.89
N ALA C 211 29.41 10.62 -59.03
CA ALA C 211 29.33 12.05 -58.74
C ALA C 211 29.86 12.31 -57.34
N PHE C 212 29.16 11.78 -56.32
CA PHE C 212 29.62 11.84 -54.93
C PHE C 212 31.13 11.53 -54.81
N LYS C 213 31.57 10.42 -55.39
CA LYS C 213 32.95 10.02 -55.22
C LYS C 213 33.90 11.00 -55.93
N ASP C 214 33.43 11.57 -57.04
CA ASP C 214 34.19 12.56 -57.82
C ASP C 214 34.43 13.85 -57.06
N GLU C 215 33.39 14.35 -56.40
CA GLU C 215 33.46 15.52 -55.51
C GLU C 215 34.47 15.34 -54.35
N ILE C 216 34.34 14.23 -53.63
CA ILE C 216 35.30 13.84 -52.60
C ILE C 216 36.73 13.93 -53.13
N LYS C 217 36.93 13.42 -54.34
CA LYS C 217 38.24 13.41 -54.99
C LYS C 217 38.72 14.84 -55.23
N ARG C 218 37.86 15.66 -55.82
CA ARG C 218 38.18 17.06 -56.05
C ARG C 218 38.63 17.71 -54.75
N ILE C 219 37.85 17.51 -53.69
CA ILE C 219 38.04 18.23 -52.44
C ILE C 219 39.10 17.67 -51.48
N TRP C 220 39.60 16.46 -51.70
CA TRP C 220 40.48 15.84 -50.72
C TRP C 220 41.67 15.17 -51.37
N GLY C 221 41.69 15.17 -52.71
CA GLY C 221 42.70 14.45 -53.48
C GLY C 221 44.10 14.98 -53.27
N GLN D 4 -31.00 -13.40 54.65
CA GLN D 4 -29.87 -12.81 55.43
C GLN D 4 -28.75 -13.87 55.71
N LEU D 5 -27.66 -13.44 56.34
CA LEU D 5 -27.36 -12.03 56.53
C LEU D 5 -26.90 -11.41 55.19
N PRO D 6 -27.05 -10.08 55.06
CA PRO D 6 -26.47 -9.47 53.88
C PRO D 6 -24.99 -9.80 53.80
N ASN D 7 -24.50 -10.18 52.62
CA ASN D 7 -23.08 -10.38 52.41
C ASN D 7 -22.26 -9.11 52.55
N LEU D 8 -21.00 -9.28 52.90
CA LEU D 8 -20.01 -8.21 52.79
C LEU D 8 -19.13 -8.43 51.57
N GLN D 9 -18.96 -7.37 50.78
CA GLN D 9 -18.18 -7.44 49.55
C GLN D 9 -17.15 -6.33 49.51
N VAL D 10 -15.92 -6.69 49.16
CA VAL D 10 -14.86 -5.71 49.02
C VAL D 10 -14.65 -5.38 47.55
N ALA D 11 -14.66 -4.10 47.23
CA ALA D 11 -14.41 -3.66 45.87
C ALA D 11 -12.94 -3.25 45.78
N LEU D 12 -12.18 -3.96 44.98
CA LEU D 12 -10.79 -3.62 44.75
C LEU D 12 -10.70 -2.62 43.61
N ASP D 13 -10.62 -1.34 43.96
CA ASP D 13 -10.57 -0.27 42.94
C ASP D 13 -9.19 0.39 42.75
N HIS D 14 -8.15 -0.33 43.16
CA HIS D 14 -6.77 0.11 43.09
C HIS D 14 -6.37 0.32 41.65
N SER D 15 -5.43 1.23 41.46
CA SER D 15 -4.99 1.61 40.12
C SER D 15 -3.82 0.74 39.66
N ASN D 16 -3.54 -0.29 40.45
CA ASN D 16 -2.43 -1.20 40.16
C ASN D 16 -2.66 -2.59 40.75
N LEU D 17 -1.97 -3.56 40.17
CA LEU D 17 -2.12 -4.95 40.51
C LEU D 17 -1.82 -5.24 41.98
N LYS D 18 -0.76 -4.61 42.51
CA LYS D 18 -0.24 -4.97 43.84
C LYS D 18 -1.23 -4.52 44.90
N GLY D 19 -1.79 -3.33 44.71
CA GLY D 19 -2.82 -2.82 45.59
C GLY D 19 -3.97 -3.79 45.66
N ALA D 20 -4.49 -4.23 44.51
CA ALA D 20 -5.67 -5.09 44.49
C ALA D 20 -5.35 -6.41 45.16
N ILE D 21 -4.16 -6.93 44.90
CA ILE D 21 -3.83 -8.25 45.43
C ILE D 21 -3.56 -8.22 46.92
N THR D 22 -2.88 -7.18 47.38
CA THR D 22 -2.60 -7.04 48.79
C THR D 22 -3.88 -6.90 49.60
N ALA D 23 -4.83 -6.11 49.11
CA ALA D 23 -6.06 -5.94 49.84
C ALA D 23 -6.84 -7.27 49.82
N ALA D 24 -6.84 -7.94 48.66
CA ALA D 24 -7.63 -9.18 48.54
C ALA D 24 -7.17 -10.09 49.62
N VAL D 25 -5.85 -10.24 49.70
CA VAL D 25 -5.24 -11.19 50.62
C VAL D 25 -5.48 -10.80 52.07
N SER D 26 -5.45 -9.50 52.36
CA SER D 26 -5.55 -9.12 53.73
C SER D 26 -6.99 -9.10 54.29
N VAL D 27 -8.00 -8.90 53.43
CA VAL D 27 -9.40 -8.88 53.89
C VAL D 27 -10.16 -10.09 53.40
N GLY D 28 -9.50 -10.90 52.57
CA GLY D 28 -10.13 -12.06 51.93
C GLY D 28 -11.04 -12.90 52.83
N ASN D 29 -10.53 -13.33 53.98
CA ASN D 29 -11.30 -14.18 54.90
C ASN D 29 -12.34 -13.43 55.69
N GLU D 30 -12.31 -12.11 55.62
CA GLU D 30 -13.23 -11.33 56.42
C GLU D 30 -14.53 -11.00 55.66
N VAL D 31 -14.58 -11.38 54.39
CA VAL D 31 -15.62 -10.91 53.49
C VAL D 31 -16.23 -12.11 52.82
N ASP D 32 -17.39 -11.94 52.20
CA ASP D 32 -18.05 -13.05 51.51
C ASP D 32 -17.82 -13.04 50.02
N VAL D 33 -17.66 -11.84 49.47
CA VAL D 33 -17.46 -11.65 48.03
C VAL D 33 -16.26 -10.73 47.75
N ILE D 34 -15.43 -11.13 46.78
CA ILE D 34 -14.27 -10.33 46.35
C ILE D 34 -14.48 -9.80 44.95
N GLU D 35 -14.31 -8.50 44.77
CA GLU D 35 -14.61 -7.86 43.50
C GLU D 35 -13.43 -7.19 42.85
N ALA D 36 -13.09 -7.65 41.65
CA ALA D 36 -12.15 -6.94 40.80
C ALA D 36 -12.84 -5.69 40.23
N GLY D 37 -12.50 -4.53 40.79
CA GLY D 37 -13.19 -3.29 40.44
C GLY D 37 -12.84 -2.74 39.06
N THR D 38 -13.72 -1.90 38.52
CA THR D 38 -13.55 -1.40 37.15
C THR D 38 -12.27 -0.58 36.95
N VAL D 39 -11.96 0.28 37.91
CA VAL D 39 -10.74 1.07 37.86
C VAL D 39 -9.51 0.16 37.72
N CYS D 40 -9.53 -0.95 38.45
CA CYS D 40 -8.40 -1.87 38.49
C CYS D 40 -8.31 -2.66 37.20
N LEU D 41 -9.42 -3.22 36.75
CA LEU D 41 -9.44 -3.99 35.53
C LEU D 41 -8.96 -3.17 34.33
N LEU D 42 -9.43 -1.94 34.24
CA LEU D 42 -9.06 -1.07 33.16
C LEU D 42 -7.57 -0.78 33.24
N GLN D 43 -6.99 -0.89 34.44
CA GLN D 43 -5.54 -0.67 34.62
C GLN D 43 -4.72 -1.90 34.30
N VAL D 44 -5.16 -3.04 34.82
CA VAL D 44 -4.34 -4.22 34.71
C VAL D 44 -4.90 -5.31 33.83
N GLY D 45 -6.14 -5.17 33.37
CA GLY D 45 -6.77 -6.25 32.60
C GLY D 45 -7.23 -7.42 33.47
N SER D 46 -7.56 -8.53 32.85
CA SER D 46 -8.41 -9.51 33.49
C SER D 46 -7.64 -10.68 34.13
N GLU D 47 -6.30 -10.59 34.12
CA GLU D 47 -5.50 -11.60 34.80
C GLU D 47 -5.69 -11.51 36.31
N LEU D 48 -6.04 -10.31 36.75
CA LEU D 48 -6.35 -10.07 38.13
C LEU D 48 -7.37 -11.10 38.59
N VAL D 49 -8.42 -11.27 37.80
CA VAL D 49 -9.51 -12.17 38.12
C VAL D 49 -8.99 -13.59 38.34
N GLU D 50 -8.08 -14.04 37.48
CA GLU D 50 -7.65 -15.41 37.69
C GLU D 50 -6.66 -15.59 38.83
N VAL D 51 -5.90 -14.53 39.11
CA VAL D 51 -5.07 -14.52 40.32
C VAL D 51 -5.97 -14.67 41.59
N LEU D 52 -7.00 -13.82 41.67
CA LEU D 52 -8.04 -13.92 42.72
C LEU D 52 -8.71 -15.30 42.83
N ARG D 53 -9.12 -15.89 41.70
CA ARG D 53 -9.68 -17.25 41.72
C ARG D 53 -8.73 -18.26 42.37
N SER D 54 -7.45 -18.14 42.04
CA SER D 54 -6.41 -19.04 42.49
C SER D 54 -6.17 -18.89 44.00
N LEU D 55 -6.21 -17.64 44.47
CA LEU D 55 -6.00 -17.34 45.87
C LEU D 55 -7.22 -17.74 46.74
N PHE D 56 -8.40 -17.69 46.13
CA PHE D 56 -9.66 -17.96 46.81
C PHE D 56 -10.51 -18.92 45.98
N PRO D 57 -10.20 -20.22 46.04
CA PRO D 57 -10.88 -21.18 45.15
C PRO D 57 -12.44 -21.27 45.35
N ASP D 58 -12.93 -20.84 46.50
CA ASP D 58 -14.34 -21.06 46.85
C ASP D 58 -15.19 -19.78 47.13
N LYS D 59 -14.52 -18.63 47.11
CA LYS D 59 -15.16 -17.34 47.24
C LYS D 59 -15.84 -16.98 45.93
N ILE D 60 -16.92 -16.22 46.06
CA ILE D 60 -17.53 -15.56 44.94
C ILE D 60 -16.65 -14.42 44.46
N ILE D 61 -16.29 -14.46 43.19
CA ILE D 61 -15.47 -13.43 42.60
C ILE D 61 -16.26 -12.70 41.51
N VAL D 62 -16.24 -11.37 41.62
CA VAL D 62 -16.96 -10.46 40.76
C VAL D 62 -15.99 -9.72 39.85
N ALA D 63 -16.27 -9.72 38.56
CA ALA D 63 -15.51 -8.90 37.65
C ALA D 63 -16.39 -7.71 37.29
N ASP D 64 -16.16 -6.58 37.93
CA ASP D 64 -16.97 -5.39 37.73
C ASP D 64 -16.57 -4.66 36.42
N THR D 65 -17.04 -5.19 35.30
CA THR D 65 -16.73 -4.68 33.97
C THR D 65 -17.67 -3.57 33.51
N LYS D 66 -18.87 -3.46 34.10
CA LYS D 66 -19.79 -2.36 33.74
C LYS D 66 -20.03 -2.39 32.22
N CYS D 67 -20.19 -3.60 31.72
CA CYS D 67 -20.23 -3.87 30.32
C CYS D 67 -21.39 -3.16 29.68
N ALA D 68 -21.09 -2.44 28.59
CA ALA D 68 -22.13 -1.76 27.80
C ALA D 68 -22.37 -2.44 26.46
N ASP D 69 -21.47 -3.32 26.05
CA ASP D 69 -21.51 -3.83 24.70
C ASP D 69 -20.57 -5.03 24.54
N ALA D 70 -20.76 -5.76 23.43
CA ALA D 70 -20.00 -6.98 23.17
C ALA D 70 -20.15 -7.91 24.39
N GLY D 71 -21.40 -8.04 24.86
CA GLY D 71 -21.73 -8.77 26.09
C GLY D 71 -21.10 -10.15 26.13
N GLY D 72 -21.25 -10.90 25.04
CA GLY D 72 -20.70 -12.23 24.92
C GLY D 72 -19.19 -12.29 24.99
N THR D 73 -18.51 -11.37 24.32
CA THR D 73 -17.06 -11.38 24.39
C THR D 73 -16.62 -11.10 25.83
N VAL D 74 -17.05 -9.98 26.39
CA VAL D 74 -16.60 -9.58 27.73
C VAL D 74 -16.90 -10.60 28.82
N ALA D 75 -18.13 -11.09 28.87
CA ALA D 75 -18.50 -12.09 29.86
C ALA D 75 -17.63 -13.33 29.74
N LYS D 76 -17.48 -13.82 28.51
CA LYS D 76 -16.60 -14.95 28.23
C LYS D 76 -15.13 -14.71 28.65
N ASN D 77 -14.58 -13.54 28.34
CA ASN D 77 -13.19 -13.23 28.71
C ASN D 77 -12.92 -13.32 30.21
N ASN D 78 -13.88 -12.90 31.01
CA ASN D 78 -13.78 -12.93 32.47
C ASN D 78 -14.17 -14.28 33.08
N ALA D 79 -15.12 -14.94 32.42
CA ALA D 79 -15.59 -16.25 32.89
C ALA D 79 -14.50 -17.32 32.78
N VAL D 80 -13.73 -17.34 31.68
CA VAL D 80 -12.58 -18.27 31.58
C VAL D 80 -11.48 -17.90 32.57
N ARG D 81 -11.50 -16.68 33.06
CA ARG D 81 -10.53 -16.27 34.10
C ARG D 81 -10.95 -16.72 35.51
N GLY D 82 -12.18 -17.20 35.63
CA GLY D 82 -12.66 -17.77 36.88
C GLY D 82 -13.71 -16.92 37.58
N ALA D 83 -14.22 -15.89 36.90
CA ALA D 83 -15.28 -15.02 37.43
C ALA D 83 -16.63 -15.71 37.69
N ASP D 84 -17.30 -15.37 38.80
CA ASP D 84 -18.67 -15.84 39.06
C ASP D 84 -19.73 -14.85 38.63
N TRP D 85 -19.58 -13.60 39.04
CA TRP D 85 -20.52 -12.59 38.63
C TRP D 85 -19.84 -11.52 37.80
N MET D 86 -20.56 -10.97 36.82
CA MET D 86 -20.09 -9.87 36.00
C MET D 86 -21.14 -8.78 35.95
N THR D 87 -20.70 -7.52 35.95
CA THR D 87 -21.64 -6.42 35.89
C THR D 87 -21.86 -5.94 34.45
N CYS D 88 -23.10 -5.55 34.15
CA CYS D 88 -23.45 -4.84 32.93
C CYS D 88 -24.07 -3.55 33.39
N ILE D 89 -23.62 -2.44 32.80
CA ILE D 89 -24.22 -1.14 33.04
C ILE D 89 -25.68 -1.17 32.55
N CYS D 90 -26.57 -0.53 33.30
CA CYS D 90 -27.99 -0.52 32.96
C CYS D 90 -28.27 0.12 31.60
N SER D 91 -27.32 0.87 31.03
CA SER D 91 -27.60 1.36 29.66
C SER D 91 -27.31 0.34 28.58
N ALA D 92 -26.77 -0.82 28.95
CA ALA D 92 -26.59 -1.92 27.97
C ALA D 92 -27.95 -2.44 27.58
N THR D 93 -28.12 -2.75 26.29
CA THR D 93 -29.40 -3.26 25.79
C THR D 93 -29.71 -4.64 26.32
N ILE D 94 -30.96 -4.99 26.44
CA ILE D 94 -31.32 -6.38 26.74
C ILE D 94 -30.49 -7.46 25.97
N PRO D 95 -30.40 -7.37 24.62
CA PRO D 95 -29.57 -8.31 23.83
C PRO D 95 -28.13 -8.46 24.32
N THR D 96 -27.52 -7.32 24.66
CA THR D 96 -26.20 -7.32 25.22
C THR D 96 -26.18 -8.02 26.56
N MET D 97 -27.19 -7.78 27.39
CA MET D 97 -27.24 -8.46 28.69
C MET D 97 -27.53 -9.96 28.56
N LYS D 98 -28.39 -10.31 27.60
CA LYS D 98 -28.70 -11.72 27.36
C LYS D 98 -27.48 -12.49 26.78
N ALA D 99 -26.69 -11.83 25.94
CA ALA D 99 -25.45 -12.46 25.41
C ALA D 99 -24.42 -12.64 26.53
N ALA D 100 -24.40 -11.71 27.48
CA ALA D 100 -23.49 -11.85 28.62
C ALA D 100 -23.93 -13.02 29.55
N ARG D 101 -25.19 -13.02 29.97
CA ARG D 101 -25.66 -14.09 30.83
C ARG D 101 -25.42 -15.44 30.19
N LYS D 102 -25.58 -15.52 28.87
CA LYS D 102 -25.45 -16.80 28.20
C LYS D 102 -23.99 -17.26 28.28
N ALA D 103 -23.05 -16.36 28.08
CA ALA D 103 -21.67 -16.77 28.02
C ALA D 103 -21.16 -17.14 29.42
N ILE D 104 -21.59 -16.43 30.45
CA ILE D 104 -21.08 -16.73 31.77
C ILE D 104 -21.70 -18.02 32.33
N GLU D 105 -22.95 -18.29 31.98
CA GLU D 105 -23.60 -19.54 32.36
C GLU D 105 -23.02 -20.77 31.64
N ASP D 106 -22.48 -20.55 30.44
CA ASP D 106 -21.90 -21.62 29.63
C ASP D 106 -20.58 -22.11 30.20
N ILE D 107 -19.71 -21.17 30.52
CA ILE D 107 -18.48 -21.46 31.23
C ILE D 107 -18.71 -21.85 32.70
N ASN D 108 -19.65 -21.18 33.37
CA ASN D 108 -19.81 -21.29 34.82
C ASN D 108 -21.30 -21.54 35.16
N PRO D 109 -21.78 -22.76 34.87
CA PRO D 109 -23.19 -23.05 35.16
C PRO D 109 -23.59 -23.02 36.64
N ASP D 110 -22.67 -23.34 37.56
CA ASP D 110 -22.99 -23.32 39.01
C ASP D 110 -23.27 -21.93 39.58
N LYS D 111 -22.40 -20.96 39.31
CA LYS D 111 -22.47 -19.67 39.98
C LYS D 111 -22.59 -18.50 38.98
N GLY D 112 -22.53 -18.79 37.69
CA GLY D 112 -22.39 -17.73 36.69
C GLY D 112 -23.61 -16.85 36.65
N GLU D 113 -23.44 -15.55 36.94
CA GLU D 113 -24.57 -14.59 36.91
C GLU D 113 -24.16 -13.22 36.37
N ILE D 114 -25.15 -12.45 35.93
CA ILE D 114 -24.97 -11.05 35.55
C ILE D 114 -25.65 -10.17 36.59
N GLN D 115 -25.07 -9.00 36.83
CA GLN D 115 -25.59 -8.02 37.77
C GLN D 115 -25.77 -6.72 37.00
N VAL D 116 -26.92 -6.05 37.18
CA VAL D 116 -27.16 -4.77 36.51
C VAL D 116 -26.64 -3.63 37.36
N GLU D 117 -25.80 -2.79 36.78
CA GLU D 117 -25.21 -1.67 37.50
C GLU D 117 -26.05 -0.43 37.30
N LEU D 118 -26.54 0.15 38.41
CA LEU D 118 -27.52 1.24 38.36
C LEU D 118 -26.92 2.63 38.44
N TYR D 119 -26.92 3.31 37.30
CA TYR D 119 -26.31 4.62 37.22
C TYR D 119 -27.23 5.56 36.49
N GLY D 120 -27.37 6.78 37.01
CA GLY D 120 -28.26 7.79 36.39
C GLY D 120 -29.71 7.32 36.23
N ASP D 121 -30.33 7.68 35.11
CA ASP D 121 -31.77 7.58 35.00
C ASP D 121 -32.38 6.28 34.49
N TRP D 122 -32.38 5.24 35.32
CA TRP D 122 -33.09 4.01 34.98
C TRP D 122 -34.59 4.09 35.34
N THR D 123 -35.37 3.13 34.88
CA THR D 123 -36.80 3.06 35.18
C THR D 123 -37.23 1.65 35.64
N TYR D 124 -38.39 1.55 36.29
CA TYR D 124 -38.90 0.26 36.76
C TYR D 124 -39.40 -0.68 35.66
N ASP D 125 -39.79 -0.12 34.52
CA ASP D 125 -40.09 -0.96 33.35
C ASP D 125 -38.78 -1.58 32.79
N GLN D 126 -37.73 -0.75 32.70
CA GLN D 126 -36.37 -1.22 32.42
C GLN D 126 -36.05 -2.35 33.39
N ALA D 127 -36.23 -2.11 34.68
CA ALA D 127 -36.00 -3.12 35.69
C ALA D 127 -36.78 -4.41 35.39
N GLN D 128 -38.02 -4.26 34.92
CA GLN D 128 -38.87 -5.41 34.58
C GLN D 128 -38.31 -6.25 33.42
N GLN D 129 -37.70 -5.57 32.44
CA GLN D 129 -37.10 -6.29 31.32
C GLN D 129 -35.88 -7.11 31.71
N TRP D 130 -35.15 -6.68 32.75
CA TRP D 130 -33.99 -7.42 33.22
C TRP D 130 -34.45 -8.69 33.89
N LEU D 131 -35.47 -8.55 34.74
CA LEU D 131 -36.12 -9.72 35.32
C LEU D 131 -36.48 -10.73 34.23
N ASP D 132 -37.20 -10.29 33.19
CA ASP D 132 -37.60 -11.19 32.07
C ASP D 132 -36.42 -11.79 31.32
N ALA D 133 -35.32 -11.04 31.23
CA ALA D 133 -34.07 -11.53 30.63
C ALA D 133 -33.31 -12.55 31.50
N GLY D 134 -33.88 -12.86 32.66
CA GLY D 134 -33.28 -13.82 33.58
C GLY D 134 -32.19 -13.24 34.47
N ILE D 135 -32.14 -11.90 34.56
CA ILE D 135 -31.12 -11.21 35.37
C ILE D 135 -31.84 -10.69 36.59
N SER D 136 -31.42 -11.14 37.76
CA SER D 136 -32.13 -10.75 38.98
C SER D 136 -31.26 -10.08 40.05
N GLN D 137 -30.03 -9.72 39.69
CA GLN D 137 -29.17 -8.95 40.58
C GLN D 137 -29.02 -7.52 40.09
N ALA D 138 -29.18 -6.59 41.02
CA ALA D 138 -29.09 -5.18 40.69
C ALA D 138 -28.22 -4.51 41.74
N ILE D 139 -27.35 -3.60 41.32
CA ILE D 139 -26.47 -2.97 42.28
C ILE D 139 -26.87 -1.52 42.35
N TYR D 140 -27.44 -1.12 43.46
CA TYR D 140 -27.82 0.25 43.63
C TYR D 140 -26.66 1.10 44.14
N HIS D 141 -26.38 2.18 43.41
CA HIS D 141 -25.27 3.06 43.74
C HIS D 141 -25.71 4.41 44.26
N GLN D 142 -24.99 4.89 45.26
CA GLN D 142 -24.76 6.30 45.26
C GLN D 142 -23.41 6.41 44.53
N SER D 143 -23.40 7.16 43.41
CA SER D 143 -22.18 7.39 42.62
C SER D 143 -21.07 8.01 43.49
N ARG D 144 -19.85 7.47 43.40
N ARG D 144 -19.87 7.45 43.39
CA ARG D 144 -18.75 7.92 44.25
CA ARG D 144 -18.73 7.88 44.22
C ARG D 144 -18.31 9.35 43.96
C ARG D 144 -18.41 9.36 43.97
N ASP D 145 -18.41 9.78 42.70
CA ASP D 145 -18.20 11.20 42.35
C ASP D 145 -19.30 12.16 42.84
N ALA D 146 -20.55 11.70 42.84
CA ALA D 146 -21.66 12.49 43.39
C ALA D 146 -21.57 12.59 44.91
N LEU D 147 -21.07 11.53 45.57
CA LEU D 147 -20.85 11.61 47.01
C LEU D 147 -19.72 12.57 47.35
N LEU D 148 -18.65 12.55 46.56
CA LEU D 148 -17.54 13.51 46.69
C LEU D 148 -17.98 14.97 46.50
N ALA D 149 -19.13 15.17 45.85
CA ALA D 149 -19.62 16.50 45.49
C ALA D 149 -20.78 17.02 46.35
N GLY D 150 -21.07 16.34 47.47
CA GLY D 150 -22.08 16.83 48.40
C GLY D 150 -23.32 15.99 48.56
N GLU D 151 -23.61 15.14 47.56
CA GLU D 151 -24.70 14.14 47.66
C GLU D 151 -24.57 13.26 48.92
N THR D 152 -25.72 12.85 49.44
CA THR D 152 -25.75 11.96 50.61
C THR D 152 -26.80 10.84 50.45
N TRP D 153 -26.59 9.73 51.16
CA TRP D 153 -27.59 8.66 51.26
C TRP D 153 -28.79 9.19 52.03
N GLY D 154 -29.99 8.98 51.48
CA GLY D 154 -31.23 9.41 52.12
C GLY D 154 -32.36 8.43 51.92
N GLU D 155 -33.59 8.93 52.05
CA GLU D 155 -34.78 8.13 51.85
C GLU D 155 -35.13 7.86 50.40
N LYS D 156 -34.85 8.83 49.53
CA LYS D 156 -35.07 8.66 48.09
C LYS D 156 -34.42 7.34 47.65
N ASP D 157 -33.25 7.07 48.25
CA ASP D 157 -32.40 5.91 47.97
C ASP D 157 -32.97 4.65 48.56
N LEU D 158 -33.36 4.75 49.83
CA LEU D 158 -33.90 3.63 50.56
C LEU D 158 -35.18 3.12 49.89
N ASN D 159 -36.02 4.03 49.41
CA ASN D 159 -37.24 3.64 48.70
C ASN D 159 -36.97 2.84 47.42
N LYS D 160 -35.96 3.27 46.66
CA LYS D 160 -35.61 2.61 45.42
C LYS D 160 -35.11 1.19 45.69
N VAL D 161 -34.23 1.06 46.68
CA VAL D 161 -33.76 -0.25 47.13
C VAL D 161 -34.94 -1.13 47.54
N LYS D 162 -35.86 -0.58 48.34
CA LYS D 162 -37.07 -1.32 48.79
C LYS D 162 -37.90 -1.83 47.65
N LYS D 163 -38.07 -0.98 46.64
CA LYS D 163 -38.89 -1.30 45.48
C LYS D 163 -38.22 -2.39 44.62
N LEU D 164 -36.93 -2.24 44.32
CA LEU D 164 -36.20 -3.28 43.60
C LEU D 164 -36.25 -4.67 44.26
N ILE D 165 -36.17 -4.69 45.59
CA ILE D 165 -36.27 -5.92 46.37
C ILE D 165 -37.70 -6.46 46.21
N GLU D 166 -38.66 -5.58 46.44
CA GLU D 166 -40.07 -5.87 46.27
C GLU D 166 -40.36 -6.42 44.85
N MET D 167 -39.74 -5.85 43.81
CA MET D 167 -39.90 -6.41 42.45
C MET D 167 -39.31 -7.80 42.29
N GLY D 168 -38.37 -8.17 43.16
CA GLY D 168 -37.73 -9.49 43.05
C GLY D 168 -36.22 -9.53 42.83
N PHE D 169 -35.57 -8.36 42.81
CA PHE D 169 -34.10 -8.34 42.71
C PHE D 169 -33.43 -8.72 44.03
N ARG D 170 -32.33 -9.44 43.94
CA ARG D 170 -31.39 -9.42 45.04
C ARG D 170 -30.58 -8.15 44.81
N VAL D 171 -30.64 -7.23 45.76
CA VAL D 171 -30.04 -5.94 45.56
C VAL D 171 -28.77 -5.80 46.39
N SER D 172 -27.73 -5.29 45.74
CA SER D 172 -26.52 -4.86 46.41
C SER D 172 -26.50 -3.34 46.58
N VAL D 173 -26.09 -2.84 47.74
CA VAL D 173 -25.94 -1.40 47.85
C VAL D 173 -24.46 -1.01 48.04
N THR D 174 -24.09 0.08 47.39
CA THR D 174 -22.72 0.50 47.35
C THR D 174 -22.60 2.00 47.14
N GLY D 175 -21.44 2.53 47.52
CA GLY D 175 -21.10 3.93 47.27
C GLY D 175 -20.83 4.64 48.56
N GLY D 176 -19.54 4.90 48.80
CA GLY D 176 -19.05 5.60 49.99
C GLY D 176 -19.73 5.15 51.26
N LEU D 177 -19.86 3.84 51.43
CA LEU D 177 -20.42 3.27 52.65
C LEU D 177 -19.39 3.27 53.78
N SER D 178 -19.80 3.72 54.96
CA SER D 178 -19.05 3.49 56.19
C SER D 178 -19.91 2.57 57.06
N VAL D 179 -19.39 2.06 58.17
CA VAL D 179 -20.21 1.18 59.00
C VAL D 179 -21.46 1.91 59.53
N ASP D 180 -21.38 3.25 59.55
CA ASP D 180 -22.44 4.08 60.07
C ASP D 180 -23.58 4.26 59.11
N THR D 181 -23.31 4.14 57.82
CA THR D 181 -24.39 4.22 56.84
C THR D 181 -25.27 2.94 56.76
N LEU D 182 -24.81 1.86 57.40
CA LEU D 182 -25.50 0.56 57.40
C LEU D 182 -26.86 0.57 58.09
N LYS D 183 -26.94 1.19 59.25
CA LYS D 183 -28.17 1.09 60.09
C LYS D 183 -29.41 1.74 59.46
N LEU D 184 -29.18 2.65 58.51
CA LEU D 184 -30.22 3.23 57.71
C LEU D 184 -30.96 2.19 56.85
N PHE D 185 -30.38 0.99 56.75
CA PHE D 185 -30.96 -0.10 55.99
C PHE D 185 -31.61 -1.18 56.86
N GLU D 186 -31.75 -0.89 58.13
CA GLU D 186 -32.30 -1.87 59.04
C GLU D 186 -33.70 -2.27 58.59
N GLY D 187 -34.01 -3.55 58.71
CA GLY D 187 -35.30 -4.06 58.32
C GLY D 187 -35.47 -4.22 56.83
N VAL D 188 -34.46 -3.82 56.05
CA VAL D 188 -34.46 -4.01 54.60
C VAL D 188 -33.61 -5.22 54.19
N ASP D 189 -34.19 -6.06 53.34
CA ASP D 189 -33.61 -7.33 52.95
C ASP D 189 -32.53 -7.16 51.89
N VAL D 190 -31.55 -6.30 52.19
CA VAL D 190 -30.35 -6.07 51.39
C VAL D 190 -29.57 -7.36 51.18
N PHE D 191 -29.20 -7.63 49.93
CA PHE D 191 -28.50 -8.86 49.62
C PHE D 191 -26.99 -8.77 49.90
N THR D 192 -26.35 -7.69 49.46
CA THR D 192 -24.91 -7.52 49.65
C THR D 192 -24.60 -6.06 49.93
N PHE D 193 -23.68 -5.82 50.84
CA PHE D 193 -23.12 -4.49 50.96
C PHE D 193 -21.75 -4.52 50.33
N ILE D 194 -21.48 -3.52 49.50
CA ILE D 194 -20.18 -3.46 48.87
C ILE D 194 -19.41 -2.30 49.43
N ALA D 195 -18.28 -2.59 50.06
CA ALA D 195 -17.41 -1.53 50.56
C ALA D 195 -16.08 -1.54 49.84
N GLY D 196 -15.69 -0.37 49.34
CA GLY D 196 -14.38 -0.21 48.72
C GLY D 196 -13.44 0.47 49.69
N ARG D 197 -13.40 1.81 49.62
CA ARG D 197 -12.43 2.65 50.34
C ARG D 197 -12.50 2.48 51.87
N GLY D 198 -13.71 2.41 52.42
CA GLY D 198 -13.90 2.09 53.83
C GLY D 198 -13.12 0.89 54.33
N ILE D 199 -12.75 -0.02 53.41
CA ILE D 199 -11.88 -1.14 53.77
C ILE D 199 -10.49 -0.96 53.17
N THR D 200 -10.45 -0.73 51.85
CA THR D 200 -9.20 -0.59 51.10
C THR D 200 -8.33 0.57 51.59
N GLU D 201 -8.92 1.64 52.12
CA GLU D 201 -8.15 2.81 52.59
C GLU D 201 -8.02 2.95 54.11
N ALA D 202 -8.49 1.95 54.85
CA ALA D 202 -8.38 1.94 56.30
C ALA D 202 -6.93 1.73 56.73
N LYS D 203 -6.61 2.23 57.93
CA LYS D 203 -5.34 1.94 58.58
C LYS D 203 -5.13 0.42 58.72
N ASN D 204 -6.17 -0.29 59.18
CA ASN D 204 -6.19 -1.77 59.15
C ASN D 204 -7.39 -2.37 58.36
N PRO D 205 -7.17 -2.68 57.08
CA PRO D 205 -8.21 -3.22 56.18
C PRO D 205 -9.02 -4.42 56.71
N ALA D 206 -8.34 -5.44 57.21
CA ALA D 206 -9.03 -6.60 57.74
C ALA D 206 -9.90 -6.22 58.93
N GLY D 207 -9.36 -5.37 59.81
CA GLY D 207 -10.11 -4.85 60.95
C GLY D 207 -11.38 -4.14 60.51
N ALA D 208 -11.25 -3.16 59.60
CA ALA D 208 -12.39 -2.47 58.99
C ALA D 208 -13.42 -3.42 58.33
N ALA D 209 -12.96 -4.39 57.55
CA ALA D 209 -13.84 -5.44 57.03
C ALA D 209 -14.61 -6.09 58.16
N ARG D 210 -13.91 -6.41 59.23
CA ARG D 210 -14.53 -7.10 60.35
C ARG D 210 -15.55 -6.22 61.04
N ALA D 211 -15.27 -4.92 61.12
CA ALA D 211 -16.19 -3.96 61.72
C ALA D 211 -17.49 -3.90 60.92
N PHE D 212 -17.37 -3.77 59.59
CA PHE D 212 -18.52 -3.80 58.68
C PHE D 212 -19.36 -5.03 58.96
N LYS D 213 -18.67 -6.16 59.05
CA LYS D 213 -19.30 -7.44 59.28
C LYS D 213 -19.90 -7.52 60.70
N ASP D 214 -19.30 -6.85 61.68
CA ASP D 214 -19.89 -6.82 63.02
C ASP D 214 -21.19 -6.03 63.02
N GLU D 215 -21.16 -4.88 62.37
CA GLU D 215 -22.32 -4.04 62.28
C GLU D 215 -23.50 -4.74 61.57
N ILE D 216 -23.20 -5.63 60.63
CA ILE D 216 -24.23 -6.37 59.92
C ILE D 216 -24.85 -7.39 60.86
N LYS D 217 -23.99 -8.13 61.57
CA LYS D 217 -24.43 -9.15 62.51
C LYS D 217 -25.37 -8.48 63.51
N ARG D 218 -24.99 -7.26 63.91
CA ARG D 218 -25.79 -6.49 64.84
C ARG D 218 -27.19 -6.28 64.29
N ILE D 219 -27.27 -5.68 63.10
CA ILE D 219 -28.52 -5.17 62.56
C ILE D 219 -29.47 -6.25 62.07
N TRP D 220 -28.93 -7.37 61.57
CA TRP D 220 -29.74 -8.39 60.89
C TRP D 220 -29.68 -9.75 61.58
N GLY D 221 -29.00 -9.84 62.73
CA GLY D 221 -28.88 -11.11 63.50
C GLY D 221 -29.78 -11.19 64.72
C2 5RP E . 17.32 -6.92 -24.10
C3 5RP E . 16.29 -7.78 -23.40
C5 5RP E . 16.10 -7.78 -21.90
O13 5RP E . 17.29 -7.87 -21.11
C6 5RP E . 15.27 -9.04 -21.73
O14 5RP E . 13.95 -8.69 -22.10
C7 5RP E . 15.26 -9.57 -20.33
O8 5RP E . 15.39 -10.95 -20.53
P9 5RP E . 16.14 -11.75 -19.37
O12 5RP E . 17.15 -10.78 -18.79
O11 5RP E . 16.78 -12.95 -20.07
O10 5RP E . 14.97 -12.04 -18.43
O4 5RP E . 15.52 -8.47 -24.07
O1 5RP E . 16.70 -5.69 -24.45
C2 5RP F . -17.37 3.08 41.42
C3 5RP F . -17.75 1.76 42.07
C5 5RP F . -17.18 1.35 43.40
O13 5RP F . -16.90 -0.06 43.31
C6 5RP F . -18.16 1.67 44.55
O14 5RP F . -18.30 3.10 44.68
C7 5RP F . -17.77 1.11 45.92
O8 5RP F . -16.58 1.71 46.46
P9 5RP F . -16.53 2.81 47.66
O12 5RP F . -15.04 3.13 47.75
O11 5RP F . -17.08 2.20 48.92
O10 5RP F . -17.40 3.95 47.17
O4 5RP F . -18.51 1.01 41.48
#